data_9M88
#
_entry.id   9M88
#
loop_
_entity.id
_entity.type
_entity.pdbx_description
1 polymer GPR3
2 polymer 'Glycogen synthase'
3 non-polymer (Z)-N-(2-hydroxyethyl)octadec-9-enamide
4 non-polymer tetracosan-1-ol
5 non-polymer 1-DODECANOL
6 non-polymer '[(2R)-3-[2-azanylethoxy(oxidanyl)phosphoryl]oxy-2-decanoyloxy-propyl] dodecanoate'
7 non-polymer icosan-1-ol
8 non-polymer N-[(4-chloranyl-2-propan-2-yloxy-phenyl)methyl]-5-phenyl-[1,2,4]triazolo[1,5-a]pyrimidin-7-amine
#
loop_
_entity_poly.entity_id
_entity_poly.type
_entity_poly.pdbx_seq_one_letter_code
_entity_poly.pdbx_strand_id
1 'polypeptide(L)'
;DYKDDDDKLEVLFQGPGSADLEDNWETLNDNLKVIEKADNAAQVKDALTKMRAAALDAQKATPPKLEDKSPDSPEMKDFR
HGFDILVGQIDDALKLANEGKVKEAQAAAEQLKTTRNAYIQKYLMMWGAGSPLAWLSAGSGNVNVSSVGPAEGPTGPAAP
LPSPKAWDVVLCISGTLVSCENALVVAIIVGTPAFRAPMFLLVGSLAVADLLAGLGLVLHFAAVFCIGSAEMSLVLVGVL
AMAFTASIGSLLAITVDRYLSLYNALTYYSETTVTRTYVMLALVWGGALGLGLLPVLAWNCLDGLTTCGVVYPLSKNHLV
VLAIAFFMVFGIMLQLYAQICRIVCGIDCSFWNESYLTGSRDERKKSLLSKFGMDEGVTFMFIGRFDRGQKGVDVLLKAI
EILSSKKEFQEMRFIIIGKGDPELEGWARSLEEKHGNVKVITEMLSREFVRELYGSVDFVIIPSYFEPFGLVALEAMCLG
AIPIASAVGGLRDIITNETGILVKAGDPGELANAILKALELSRSDLSKFRENCKKRAMSFSRKGIATLAVVLGAFAACWL
PFTVYCLLGDAHSPPLYTYLTLLPATYNSMINPIIYAFRNQDVQKVLWAVCCCCSSSKIPFRSRSPSDVLEHHHHHHHHH
;
A,B
2 'polypeptide(L)'
;GIDCSFWNESYLTGSRDERKKSLLSKFGMDEGVTFMFIGRFDRGQKGVDVLLKAIEILSSKKEFQEMRFIIIGKGDPELE
GWARSLEEKHGNVKVITEMLSREFVRELYGSVDFVIIPSYFEPFGLVALEAMCLGAIPIASAVGGLRDIITNETGILVKA
GDPGELANAILKALELSRSDLSKFRENCKKRAMSFS
;
C,D
#
# COMPACT_ATOMS: atom_id res chain seq x y z
N PRO A 160 -39.29 23.83 -36.92
CA PRO A 160 -39.47 24.47 -35.61
C PRO A 160 -38.42 24.00 -34.60
N LEU A 161 -37.29 24.69 -34.54
CA LEU A 161 -36.26 24.32 -33.60
C LEU A 161 -36.69 24.69 -32.18
N PRO A 162 -36.38 23.86 -31.18
CA PRO A 162 -36.76 24.20 -29.80
C PRO A 162 -36.06 25.46 -29.32
N SER A 163 -36.71 26.16 -28.41
CA SER A 163 -36.15 27.38 -27.85
C SER A 163 -35.15 27.03 -26.74
N PRO A 164 -33.91 27.53 -26.80
CA PRO A 164 -32.95 27.23 -25.73
C PRO A 164 -33.42 27.79 -24.39
N LYS A 165 -33.07 27.07 -23.32
CA LYS A 165 -33.33 27.50 -21.96
C LYS A 165 -32.06 28.09 -21.36
N ALA A 166 -32.19 28.65 -20.16
CA ALA A 166 -31.04 29.27 -19.50
C ALA A 166 -29.97 28.23 -19.17
N TRP A 167 -30.38 27.06 -18.68
CA TRP A 167 -29.40 26.03 -18.33
C TRP A 167 -28.63 25.52 -19.53
N ASP A 168 -29.28 25.46 -20.69
CA ASP A 168 -28.57 25.05 -21.91
C ASP A 168 -27.46 26.04 -22.24
N VAL A 169 -27.75 27.33 -22.14
CA VAL A 169 -26.71 28.34 -22.38
C VAL A 169 -25.60 28.22 -21.36
N VAL A 170 -25.96 27.94 -20.10
CA VAL A 170 -24.95 27.80 -19.06
C VAL A 170 -24.02 26.64 -19.39
N LEU A 171 -24.57 25.50 -19.80
CA LEU A 171 -23.73 24.36 -20.15
C LEU A 171 -22.89 24.64 -21.39
N CYS A 172 -23.44 25.38 -22.36
CA CYS A 172 -22.65 25.72 -23.54
C CYS A 172 -21.43 26.56 -23.18
N ILE A 173 -21.62 27.58 -22.33
CA ILE A 173 -20.50 28.43 -21.95
C ILE A 173 -19.50 27.65 -21.09
N SER A 174 -19.99 26.76 -20.22
CA SER A 174 -19.08 25.94 -19.44
C SER A 174 -18.24 25.06 -20.36
N GLY A 175 -18.86 24.47 -21.38
CA GLY A 175 -18.09 23.69 -22.34
C GLY A 175 -17.05 24.53 -23.06
N THR A 176 -17.41 25.77 -23.41
CA THR A 176 -16.45 26.65 -24.05
C THR A 176 -15.22 26.88 -23.17
N LEU A 177 -15.45 27.19 -21.89
CA LEU A 177 -14.33 27.45 -20.99
C LEU A 177 -13.47 26.21 -20.80
N VAL A 178 -14.10 25.04 -20.64
CA VAL A 178 -13.34 23.80 -20.48
C VAL A 178 -12.48 23.55 -21.71
N SER A 179 -13.06 23.72 -22.89
CA SER A 179 -12.31 23.52 -24.13
C SER A 179 -11.11 24.46 -24.19
N CYS A 180 -11.30 25.73 -23.84
CA CYS A 180 -10.18 26.67 -23.88
C CYS A 180 -9.05 26.23 -22.96
N GLU A 181 -9.37 25.98 -21.69
CA GLU A 181 -8.32 25.59 -20.74
C GLU A 181 -7.57 24.36 -21.20
N ASN A 182 -8.31 23.29 -21.56
CA ASN A 182 -7.63 22.05 -21.85
C ASN A 182 -6.92 22.07 -23.20
N ALA A 183 -7.40 22.89 -24.15
CA ALA A 183 -6.65 23.10 -25.38
C ALA A 183 -5.31 23.76 -25.07
N LEU A 184 -5.31 24.75 -24.18
CA LEU A 184 -4.04 25.35 -23.76
C LEU A 184 -3.10 24.30 -23.18
N VAL A 185 -3.61 23.48 -22.26
CA VAL A 185 -2.76 22.49 -21.61
C VAL A 185 -2.19 21.51 -22.62
N VAL A 186 -3.05 21.00 -23.52
CA VAL A 186 -2.59 20.02 -24.50
C VAL A 186 -1.56 20.63 -25.43
N ALA A 187 -1.78 21.88 -25.86
CA ALA A 187 -0.81 22.53 -26.72
C ALA A 187 0.54 22.65 -26.03
N ILE A 188 0.53 23.04 -24.75
CA ILE A 188 1.79 23.16 -24.01
C ILE A 188 2.50 21.82 -23.95
N ILE A 189 1.77 20.76 -23.59
CA ILE A 189 2.43 19.47 -23.40
C ILE A 189 2.96 18.93 -24.73
N VAL A 190 2.17 19.02 -25.79
CA VAL A 190 2.61 18.49 -27.08
C VAL A 190 3.69 19.34 -27.73
N GLY A 191 3.78 20.62 -27.38
CA GLY A 191 4.79 21.48 -27.97
C GLY A 191 6.20 21.15 -27.54
N THR A 192 6.48 21.24 -26.25
CA THR A 192 7.83 21.01 -25.76
C THR A 192 8.17 19.52 -25.81
N PRO A 193 9.29 19.13 -26.43
CA PRO A 193 9.64 17.71 -26.50
C PRO A 193 10.23 17.14 -25.23
N ALA A 194 10.46 17.94 -24.20
CA ALA A 194 11.01 17.45 -22.96
C ALA A 194 9.97 16.75 -22.09
N PHE A 195 8.67 16.95 -22.35
CA PHE A 195 7.61 16.38 -21.55
C PHE A 195 7.20 15.04 -22.14
N ARG A 196 7.97 14.01 -21.80
CA ARG A 196 7.67 12.65 -22.27
C ARG A 196 7.75 11.61 -21.17
N ALA A 197 7.85 12.01 -19.90
CA ALA A 197 7.81 11.07 -18.81
C ALA A 197 6.40 10.54 -18.62
N PRO A 198 6.23 9.40 -17.95
CA PRO A 198 4.88 8.85 -17.76
C PRO A 198 3.90 9.82 -17.11
N MET A 199 4.35 10.61 -16.16
CA MET A 199 3.46 11.61 -15.55
C MET A 199 2.89 12.46 -16.65
N PHE A 200 3.69 13.01 -17.53
CA PHE A 200 3.18 13.90 -18.57
C PHE A 200 2.28 13.19 -19.55
N LEU A 201 2.53 11.91 -19.84
CA LEU A 201 1.60 11.14 -20.67
C LEU A 201 0.23 11.06 -20.02
N LEU A 202 0.19 10.74 -18.71
CA LEU A 202 -1.09 10.62 -18.02
C LEU A 202 -1.81 11.97 -17.95
N VAL A 203 -1.07 13.04 -17.67
CA VAL A 203 -1.71 14.36 -17.60
C VAL A 203 -2.21 14.79 -18.97
N GLY A 204 -1.47 14.46 -20.04
CA GLY A 204 -1.95 14.75 -21.38
C GLY A 204 -3.20 13.99 -21.73
N SER A 205 -3.27 12.72 -21.30
CA SER A 205 -4.50 11.95 -21.51
C SER A 205 -5.67 12.58 -20.79
N LEU A 206 -5.46 13.02 -19.55
CA LEU A 206 -6.52 13.69 -18.81
C LEU A 206 -6.98 14.97 -19.52
N ALA A 207 -6.03 15.76 -20.01
CA ALA A 207 -6.37 16.99 -20.72
C ALA A 207 -7.15 16.69 -22.00
N VAL A 208 -6.76 15.65 -22.72
CA VAL A 208 -7.47 15.29 -23.95
C VAL A 208 -8.91 14.88 -23.62
N ALA A 209 -9.10 14.09 -22.56
CA ALA A 209 -10.45 13.70 -22.18
C ALA A 209 -11.31 14.91 -21.83
N ASP A 210 -10.77 15.84 -21.04
CA ASP A 210 -11.53 17.03 -20.69
C ASP A 210 -11.85 17.89 -21.91
N LEU A 211 -10.89 18.03 -22.83
CA LEU A 211 -11.14 18.79 -24.04
C LEU A 211 -12.24 18.15 -24.88
N LEU A 212 -12.24 16.82 -24.99
CA LEU A 212 -13.33 16.15 -25.69
C LEU A 212 -14.67 16.43 -25.02
N ALA A 213 -14.71 16.37 -23.69
CA ALA A 213 -15.98 16.64 -23.00
C ALA A 213 -16.48 18.05 -23.32
N GLY A 214 -15.60 19.04 -23.23
CA GLY A 214 -16.02 20.41 -23.49
C GLY A 214 -16.48 20.63 -24.92
N LEU A 215 -15.71 20.13 -25.89
CA LEU A 215 -16.10 20.28 -27.29
C LEU A 215 -17.40 19.56 -27.56
N GLY A 216 -17.61 18.40 -26.93
CA GLY A 216 -18.86 17.70 -27.08
C GLY A 216 -20.04 18.50 -26.55
N LEU A 217 -19.86 19.14 -25.38
CA LEU A 217 -20.94 19.96 -24.85
C LEU A 217 -21.30 21.08 -25.83
N VAL A 218 -20.28 21.79 -26.33
CA VAL A 218 -20.56 22.90 -27.24
C VAL A 218 -21.26 22.41 -28.50
N LEU A 219 -20.74 21.32 -29.10
CA LEU A 219 -21.33 20.83 -30.33
C LEU A 219 -22.74 20.30 -30.12
N HIS A 220 -22.98 19.63 -28.99
CA HIS A 220 -24.32 19.12 -28.71
C HIS A 220 -25.31 20.26 -28.56
N PHE A 221 -24.92 21.33 -27.87
CA PHE A 221 -25.81 22.50 -27.82
C PHE A 221 -26.04 23.06 -29.22
N ALA A 222 -24.99 23.10 -30.05
CA ALA A 222 -25.13 23.64 -31.40
C ALA A 222 -25.79 22.66 -32.36
N ALA A 223 -25.93 21.40 -31.98
CA ALA A 223 -26.49 20.38 -32.86
C ALA A 223 -27.96 20.08 -32.59
N VAL A 224 -28.50 20.52 -31.46
CA VAL A 224 -29.89 20.26 -31.11
C VAL A 224 -30.75 21.52 -31.14
N PHE A 225 -30.13 22.71 -31.22
CA PHE A 225 -30.88 23.96 -31.26
C PHE A 225 -30.63 24.79 -32.51
N CYS A 226 -29.52 24.58 -33.22
CA CYS A 226 -29.22 25.31 -34.44
C CYS A 226 -29.23 24.41 -35.66
N ILE A 227 -28.43 23.35 -35.66
CA ILE A 227 -28.43 22.37 -36.77
C ILE A 227 -29.42 21.29 -36.36
N GLY A 228 -30.69 21.53 -36.65
CA GLY A 228 -31.72 20.59 -36.30
C GLY A 228 -31.30 19.25 -36.85
N SER A 229 -31.24 18.24 -35.98
CA SER A 229 -30.80 16.91 -36.38
C SER A 229 -31.01 15.97 -35.21
N ALA A 230 -31.67 14.85 -35.48
CA ALA A 230 -31.94 13.85 -34.44
C ALA A 230 -30.91 12.73 -34.41
N GLU A 231 -30.15 12.55 -35.49
CA GLU A 231 -29.10 11.54 -35.54
C GLU A 231 -27.73 12.09 -35.15
N MET A 232 -27.54 13.40 -35.20
CA MET A 232 -26.29 14.01 -34.82
C MET A 232 -26.21 14.30 -33.33
N SER A 233 -27.35 14.48 -32.66
CA SER A 233 -27.37 14.72 -31.23
C SER A 233 -27.34 13.44 -30.41
N LEU A 234 -27.33 12.28 -31.05
CA LEU A 234 -27.17 11.00 -30.35
C LEU A 234 -25.73 10.53 -30.31
N VAL A 235 -24.95 10.79 -31.36
CA VAL A 235 -23.53 10.45 -31.32
C VAL A 235 -22.80 11.30 -30.28
N LEU A 236 -23.22 12.56 -30.12
CA LEU A 236 -22.52 13.44 -29.19
C LEU A 236 -22.76 13.06 -27.75
N VAL A 237 -23.91 12.47 -27.43
CA VAL A 237 -24.12 11.97 -26.08
C VAL A 237 -23.15 10.83 -25.78
N GLY A 238 -22.94 9.93 -26.75
CA GLY A 238 -21.93 8.91 -26.58
C GLY A 238 -20.54 9.48 -26.44
N VAL A 239 -20.25 10.55 -27.20
CA VAL A 239 -18.95 11.20 -27.09
C VAL A 239 -18.75 11.76 -25.69
N LEU A 240 -19.79 12.39 -25.12
CA LEU A 240 -19.67 12.93 -23.76
C LEU A 240 -19.51 11.82 -22.74
N ALA A 241 -20.25 10.71 -22.88
CA ALA A 241 -20.08 9.60 -21.96
C ALA A 241 -18.66 9.06 -22.01
N MET A 242 -18.12 8.92 -23.22
CA MET A 242 -16.73 8.46 -23.37
C MET A 242 -15.77 9.45 -22.73
N ALA A 243 -15.99 10.75 -22.93
CA ALA A 243 -15.08 11.75 -22.37
C ALA A 243 -15.08 11.70 -20.85
N PHE A 244 -16.25 11.61 -20.23
CA PHE A 244 -16.30 11.57 -18.76
C PHE A 244 -15.69 10.28 -18.22
N THR A 245 -15.97 9.14 -18.86
CA THR A 245 -15.37 7.89 -18.40
C THR A 245 -13.85 7.94 -18.50
N ALA A 246 -13.33 8.48 -19.61
CA ALA A 246 -11.89 8.58 -19.79
C ALA A 246 -11.27 9.57 -18.80
N SER A 247 -11.99 10.64 -18.46
CA SER A 247 -11.47 11.58 -17.47
C SER A 247 -11.32 10.92 -16.10
N ILE A 248 -12.33 10.16 -15.68
CA ILE A 248 -12.23 9.50 -14.38
C ILE A 248 -11.15 8.42 -14.41
N GLY A 249 -11.05 7.67 -15.51
CA GLY A 249 -9.99 6.69 -15.63
C GLY A 249 -8.61 7.32 -15.57
N SER A 250 -8.44 8.48 -16.20
CA SER A 250 -7.16 9.16 -16.18
C SER A 250 -6.82 9.64 -14.77
N LEU A 251 -7.82 10.13 -14.02
CA LEU A 251 -7.57 10.49 -12.62
C LEU A 251 -7.08 9.29 -11.84
N LEU A 252 -7.73 8.13 -12.02
CA LEU A 252 -7.29 6.93 -11.29
C LEU A 252 -5.87 6.54 -11.69
N ALA A 253 -5.55 6.61 -12.98
CA ALA A 253 -4.20 6.27 -13.42
C ALA A 253 -3.17 7.21 -12.83
N ILE A 254 -3.46 8.51 -12.78
CA ILE A 254 -2.53 9.47 -12.20
C ILE A 254 -2.30 9.14 -10.73
N THR A 255 -3.36 8.85 -9.99
CA THR A 255 -3.19 8.54 -8.57
C THR A 255 -2.36 7.27 -8.37
N VAL A 256 -2.61 6.25 -9.19
CA VAL A 256 -1.82 5.01 -9.09
C VAL A 256 -0.35 5.29 -9.35
N ASP A 257 -0.07 6.08 -10.40
CA ASP A 257 1.32 6.39 -10.73
C ASP A 257 1.99 7.15 -9.60
N ARG A 258 1.30 8.14 -9.01
CA ARG A 258 1.90 8.89 -7.91
C ARG A 258 2.19 7.98 -6.72
N TYR A 259 1.24 7.11 -6.37
CA TYR A 259 1.47 6.23 -5.23
C TYR A 259 2.65 5.31 -5.49
N LEU A 260 2.75 4.74 -6.69
CA LEU A 260 3.85 3.84 -6.96
C LEU A 260 5.18 4.59 -6.99
N SER A 261 5.20 5.84 -7.43
CA SER A 261 6.43 6.62 -7.41
C SER A 261 6.88 6.89 -5.98
N LEU A 262 5.94 7.19 -5.09
CA LEU A 262 6.30 7.38 -3.68
C LEU A 262 6.65 6.07 -2.98
N TYR A 263 6.19 4.93 -3.48
CA TYR A 263 6.50 3.64 -2.85
C TYR A 263 7.67 2.94 -3.56
N ASN A 264 7.54 2.68 -4.86
CA ASN A 264 8.62 2.09 -5.62
C ASN A 264 9.72 3.12 -5.85
N ALA A 265 10.39 3.56 -4.79
CA ALA A 265 11.32 4.67 -4.90
C ALA A 265 12.44 4.36 -5.88
N LEU A 266 12.96 3.12 -5.85
CA LEU A 266 14.10 2.75 -6.66
C LEU A 266 13.73 1.97 -7.92
N THR A 267 12.63 1.22 -7.89
CA THR A 267 12.21 0.43 -9.05
C THR A 267 11.25 1.19 -9.97
N TYR A 268 10.79 2.37 -9.57
CA TYR A 268 9.90 3.14 -10.45
C TYR A 268 10.62 3.58 -11.71
N TYR A 269 11.88 4.00 -11.58
CA TYR A 269 12.66 4.48 -12.72
C TYR A 269 13.24 3.28 -13.45
N SER A 270 12.42 2.67 -14.30
CA SER A 270 12.80 1.50 -15.06
C SER A 270 11.91 1.43 -16.30
N GLU A 271 12.08 0.37 -17.10
CA GLU A 271 11.24 0.15 -18.26
C GLU A 271 9.86 -0.38 -17.87
N THR A 272 9.78 -1.13 -16.77
CA THR A 272 8.48 -1.60 -16.30
C THR A 272 7.53 -0.46 -16.05
N THR A 273 8.04 0.71 -15.65
CA THR A 273 7.17 1.88 -15.48
C THR A 273 6.55 2.29 -16.80
N VAL A 274 7.34 2.33 -17.88
CA VAL A 274 6.81 2.70 -19.18
C VAL A 274 5.78 1.68 -19.64
N THR A 275 6.09 0.40 -19.47
CA THR A 275 5.13 -0.63 -19.86
C THR A 275 3.84 -0.51 -19.06
N ARG A 276 3.95 -0.25 -17.76
CA ARG A 276 2.76 -0.08 -16.92
C ARG A 276 1.94 1.12 -17.36
N THR A 277 2.60 2.22 -17.71
CA THR A 277 1.86 3.41 -18.15
C THR A 277 1.12 3.14 -19.45
N TYR A 278 1.76 2.44 -20.38
CA TYR A 278 1.07 2.09 -21.62
C TYR A 278 -0.12 1.18 -21.35
N VAL A 279 0.05 0.21 -20.43
CA VAL A 279 -1.07 -0.66 -20.09
C VAL A 279 -2.21 0.14 -19.48
N MET A 280 -1.90 1.09 -18.59
CA MET A 280 -2.94 1.91 -17.99
C MET A 280 -3.68 2.73 -19.03
N LEU A 281 -2.94 3.35 -19.97
CA LEU A 281 -3.61 4.13 -21.01
C LEU A 281 -4.51 3.26 -21.86
N ALA A 282 -4.02 2.07 -22.24
CA ALA A 282 -4.84 1.16 -23.02
C ALA A 282 -6.11 0.79 -22.27
N LEU A 283 -5.98 0.44 -20.98
CA LEU A 283 -7.15 0.07 -20.20
C LEU A 283 -8.13 1.23 -20.09
N VAL A 284 -7.62 2.43 -19.82
CA VAL A 284 -8.48 3.58 -19.60
C VAL A 284 -9.30 3.88 -20.85
N TRP A 285 -8.63 3.98 -22.00
CA TRP A 285 -9.35 4.37 -23.21
C TRP A 285 -10.17 3.22 -23.78
N GLY A 286 -9.73 1.97 -23.61
CA GLY A 286 -10.57 0.85 -24.00
C GLY A 286 -11.84 0.76 -23.18
N GLY A 287 -11.74 1.01 -21.87
CA GLY A 287 -12.93 1.05 -21.05
C GLY A 287 -13.84 2.22 -21.38
N ALA A 288 -13.25 3.39 -21.66
CA ALA A 288 -14.05 4.55 -22.05
C ALA A 288 -14.81 4.27 -23.33
N LEU A 289 -14.17 3.64 -24.31
CA LEU A 289 -14.84 3.36 -25.57
C LEU A 289 -15.85 2.21 -25.42
N GLY A 290 -15.56 1.23 -24.57
CA GLY A 290 -16.50 0.14 -24.35
C GLY A 290 -17.75 0.58 -23.61
N LEU A 291 -17.60 1.51 -22.65
CA LEU A 291 -18.71 2.05 -21.88
C LEU A 291 -19.23 3.38 -22.43
N GLY A 292 -18.80 3.76 -23.64
CA GLY A 292 -19.34 4.93 -24.31
C GLY A 292 -19.81 4.62 -25.72
N LEU A 293 -19.97 3.33 -26.04
CA LEU A 293 -20.62 2.90 -27.26
C LEU A 293 -21.99 2.31 -27.01
N LEU A 294 -22.35 2.11 -25.74
CA LEU A 294 -23.69 1.63 -25.41
C LEU A 294 -24.79 2.56 -25.88
N PRO A 295 -24.68 3.89 -25.76
CA PRO A 295 -25.75 4.76 -26.28
C PRO A 295 -26.01 4.57 -27.77
N VAL A 296 -24.97 4.24 -28.53
CA VAL A 296 -25.13 4.17 -30.00
C VAL A 296 -26.17 3.11 -30.36
N LEU A 297 -25.88 1.85 -30.05
CA LEU A 297 -26.78 0.78 -30.45
C LEU A 297 -27.18 -0.14 -29.32
N ALA A 298 -26.25 -0.46 -28.41
CA ALA A 298 -26.51 -1.54 -27.46
C ALA A 298 -27.68 -1.21 -26.53
N TRP A 299 -27.73 0.02 -26.03
CA TRP A 299 -28.69 0.36 -24.97
C TRP A 299 -29.08 1.82 -25.13
N ASN A 300 -30.26 2.05 -25.71
CA ASN A 300 -30.88 3.37 -25.64
C ASN A 300 -32.39 3.19 -25.69
N CYS A 301 -33.11 4.16 -25.14
CA CYS A 301 -34.56 4.10 -25.02
C CYS A 301 -35.26 4.67 -26.26
N LEU A 302 -34.55 4.82 -27.38
CA LEU A 302 -35.15 5.42 -28.56
C LEU A 302 -36.31 4.57 -29.09
N ASP A 303 -36.15 3.25 -29.09
CA ASP A 303 -37.18 2.38 -29.63
C ASP A 303 -38.49 2.55 -28.88
N GLY A 304 -38.43 2.64 -27.56
CA GLY A 304 -39.61 2.92 -26.76
C GLY A 304 -40.01 1.80 -25.81
N LEU A 305 -39.14 0.80 -25.63
CA LEU A 305 -39.44 -0.32 -24.76
C LEU A 305 -38.22 -0.75 -23.94
N THR A 306 -37.47 0.20 -23.40
CA THR A 306 -36.25 -0.11 -22.66
C THR A 306 -36.11 0.77 -21.42
N THR A 307 -37.24 1.14 -20.82
CA THR A 307 -37.26 1.84 -19.52
C THR A 307 -36.22 2.97 -19.47
N CYS A 308 -36.50 3.98 -20.30
CA CYS A 308 -35.63 5.13 -20.42
C CYS A 308 -35.20 5.67 -19.07
N GLY A 309 -33.99 6.24 -19.02
CA GLY A 309 -33.40 6.73 -17.78
C GLY A 309 -33.49 8.23 -17.65
N VAL A 310 -32.74 8.75 -16.67
CA VAL A 310 -32.81 10.17 -16.35
C VAL A 310 -32.27 11.04 -17.48
N VAL A 311 -31.24 10.59 -18.20
CA VAL A 311 -30.74 11.27 -19.39
C VAL A 311 -31.40 10.61 -20.60
N TYR A 312 -32.09 11.41 -21.41
CA TYR A 312 -33.09 10.85 -22.31
C TYR A 312 -32.53 9.75 -23.20
N PRO A 313 -31.57 10.01 -24.08
CA PRO A 313 -31.16 8.95 -25.02
C PRO A 313 -30.65 7.69 -24.33
N LEU A 314 -30.04 7.83 -23.15
CA LEU A 314 -29.45 6.68 -22.48
C LEU A 314 -30.54 5.80 -21.86
N SER A 315 -30.12 4.62 -21.42
CA SER A 315 -31.00 3.62 -20.83
C SER A 315 -30.78 3.54 -19.32
N LYS A 316 -31.73 2.91 -18.64
CA LYS A 316 -31.60 2.78 -17.18
C LYS A 316 -30.60 1.70 -16.79
N ASN A 317 -30.48 0.64 -17.59
CA ASN A 317 -29.53 -0.43 -17.27
C ASN A 317 -28.10 -0.01 -17.51
N HIS A 318 -27.87 1.02 -18.32
CA HIS A 318 -26.53 1.50 -18.64
C HIS A 318 -26.05 2.53 -17.64
N LEU A 319 -26.93 3.45 -17.24
CA LEU A 319 -26.63 4.44 -16.24
C LEU A 319 -26.48 3.85 -14.85
N VAL A 320 -26.85 2.60 -14.64
CA VAL A 320 -26.61 1.91 -13.36
C VAL A 320 -25.25 1.23 -13.37
N VAL A 321 -24.87 0.62 -14.48
CA VAL A 321 -23.53 0.04 -14.60
C VAL A 321 -22.48 1.13 -14.47
N LEU A 322 -22.75 2.30 -15.07
CA LEU A 322 -21.81 3.41 -14.93
C LEU A 322 -21.64 3.82 -13.47
N ALA A 323 -22.75 3.90 -12.72
CA ALA A 323 -22.65 4.29 -11.32
C ALA A 323 -21.92 3.23 -10.49
N ILE A 324 -22.19 1.95 -10.75
CA ILE A 324 -21.49 0.88 -10.04
C ILE A 324 -19.99 1.00 -10.26
N ALA A 325 -19.58 1.19 -11.52
CA ALA A 325 -18.17 1.34 -11.81
C ALA A 325 -17.58 2.56 -11.11
N PHE A 326 -18.33 3.67 -11.09
CA PHE A 326 -17.80 4.86 -10.43
C PHE A 326 -17.58 4.62 -8.95
N PHE A 327 -18.49 3.91 -8.29
CA PHE A 327 -18.33 3.70 -6.85
C PHE A 327 -17.18 2.76 -6.55
N MET A 328 -16.98 1.75 -7.40
CA MET A 328 -15.80 0.90 -7.23
C MET A 328 -14.52 1.71 -7.37
N VAL A 329 -14.46 2.57 -8.39
CA VAL A 329 -13.26 3.39 -8.59
C VAL A 329 -13.07 4.35 -7.44
N PHE A 330 -14.16 4.87 -6.88
CA PHE A 330 -14.07 5.77 -5.73
C PHE A 330 -13.48 5.04 -4.52
N GLY A 331 -13.91 3.82 -4.27
CA GLY A 331 -13.31 3.05 -3.19
C GLY A 331 -11.81 2.82 -3.40
N ILE A 332 -11.43 2.47 -4.64
CA ILE A 332 -10.01 2.28 -4.93
C ILE A 332 -9.24 3.56 -4.65
N MET A 333 -9.80 4.72 -5.02
CA MET A 333 -9.14 5.99 -4.77
C MET A 333 -8.99 6.26 -3.28
N LEU A 334 -10.02 5.94 -2.50
CA LEU A 334 -9.92 6.11 -1.05
C LEU A 334 -8.77 5.28 -0.48
N GLN A 335 -8.64 4.03 -0.91
CA GLN A 335 -7.56 3.19 -0.41
C GLN A 335 -6.18 3.73 -0.83
N LEU A 336 -6.06 4.16 -2.09
CA LEU A 336 -4.79 4.71 -2.56
C LEU A 336 -4.41 5.94 -1.75
N TYR A 337 -5.37 6.81 -1.48
CA TYR A 337 -5.06 8.00 -0.69
C TYR A 337 -4.74 7.64 0.76
N ALA A 338 -5.30 6.55 1.28
CA ALA A 338 -4.91 6.10 2.61
C ALA A 338 -3.43 5.72 2.63
N GLN A 339 -2.93 4.97 1.70
CA GLN A 339 -1.53 4.59 1.61
C GLN A 339 -0.67 5.78 1.25
N ILE A 340 -1.12 6.83 0.55
CA ILE A 340 -0.33 8.05 0.34
C ILE A 340 -0.23 8.85 1.62
N CYS A 341 -1.32 8.91 2.40
CA CYS A 341 -1.29 9.59 3.68
C CYS A 341 -0.31 8.91 4.64
N ARG A 342 -0.32 7.58 4.67
CA ARG A 342 0.60 6.89 5.57
C ARG A 342 2.05 7.19 5.20
N ILE A 343 2.37 7.21 3.91
CA ILE A 343 3.75 7.49 3.49
C ILE A 343 4.15 8.92 3.79
N VAL A 344 3.28 9.90 3.55
CA VAL A 344 3.59 11.30 3.84
C VAL A 344 3.62 11.56 5.33
N CYS A 345 2.66 11.04 6.08
CA CYS A 345 2.54 11.31 7.50
C CYS A 345 3.25 10.23 8.32
N ARG A 542 1.05 19.95 8.53
CA ARG A 542 -0.20 19.38 8.07
C ARG A 542 -0.57 19.91 6.70
N LYS A 543 0.42 20.37 5.94
CA LYS A 543 0.16 20.91 4.61
C LYS A 543 -0.12 19.80 3.61
N GLY A 544 0.65 18.72 3.66
CA GLY A 544 0.43 17.63 2.73
C GLY A 544 -0.92 16.97 2.90
N ILE A 545 -1.32 16.71 4.14
CA ILE A 545 -2.62 16.08 4.38
C ILE A 545 -3.75 17.03 4.01
N ALA A 546 -3.58 18.32 4.29
CA ALA A 546 -4.61 19.28 3.91
C ALA A 546 -4.78 19.32 2.39
N THR A 547 -3.68 19.32 1.65
CA THR A 547 -3.77 19.33 0.19
C THR A 547 -4.40 18.05 -0.33
N LEU A 548 -4.03 16.89 0.23
CA LEU A 548 -4.66 15.65 -0.18
C LEU A 548 -6.17 15.68 0.07
N ALA A 549 -6.57 16.18 1.24
CA ALA A 549 -7.98 16.25 1.57
C ALA A 549 -8.72 17.18 0.61
N VAL A 550 -8.13 18.31 0.27
CA VAL A 550 -8.79 19.23 -0.67
C VAL A 550 -8.92 18.59 -2.04
N VAL A 551 -7.87 17.93 -2.51
CA VAL A 551 -7.89 17.37 -3.86
C VAL A 551 -8.91 16.23 -3.95
N LEU A 552 -9.05 15.44 -2.88
CA LEU A 552 -10.06 14.38 -2.90
C LEU A 552 -11.47 14.94 -2.70
N GLY A 553 -11.62 15.97 -1.88
CA GLY A 553 -12.92 16.55 -1.65
C GLY A 553 -13.50 17.21 -2.89
N ALA A 554 -12.64 17.84 -3.70
CA ALA A 554 -13.12 18.40 -4.96
C ALA A 554 -13.73 17.32 -5.84
N PHE A 555 -13.01 16.22 -6.04
CA PHE A 555 -13.49 15.13 -6.87
C PHE A 555 -14.80 14.56 -6.33
N ALA A 556 -14.84 14.28 -5.04
CA ALA A 556 -16.06 13.71 -4.46
C ALA A 556 -17.24 14.67 -4.59
N ALA A 557 -17.06 15.92 -4.14
CA ALA A 557 -18.15 16.88 -4.16
C ALA A 557 -18.61 17.18 -5.57
N CYS A 558 -17.77 16.96 -6.58
CA CYS A 558 -18.18 17.20 -7.95
C CYS A 558 -18.89 16.01 -8.57
N TRP A 559 -18.51 14.78 -8.22
CA TRP A 559 -19.05 13.62 -8.93
C TRP A 559 -20.08 12.79 -8.17
N LEU A 560 -20.24 12.97 -6.86
CA LEU A 560 -21.26 12.20 -6.15
C LEU A 560 -22.68 12.66 -6.43
N PRO A 561 -22.95 13.97 -6.54
CA PRO A 561 -24.33 14.38 -6.84
C PRO A 561 -24.97 13.64 -8.01
N PHE A 562 -24.33 13.64 -9.19
CA PHE A 562 -24.92 13.00 -10.35
C PHE A 562 -25.04 11.49 -10.14
N THR A 563 -23.92 10.84 -9.78
CA THR A 563 -23.94 9.39 -9.69
C THR A 563 -24.90 8.88 -8.62
N VAL A 564 -25.24 9.70 -7.63
CA VAL A 564 -26.24 9.30 -6.65
C VAL A 564 -27.64 9.59 -7.14
N TYR A 565 -27.88 10.76 -7.73
CA TYR A 565 -29.17 11.03 -8.34
C TYR A 565 -29.45 10.07 -9.50
N CYS A 566 -28.39 9.52 -10.10
CA CYS A 566 -28.54 8.56 -11.18
C CYS A 566 -29.25 7.29 -10.75
N LEU A 567 -29.22 6.96 -9.45
CA LEU A 567 -29.86 5.76 -8.93
C LEU A 567 -31.18 6.03 -8.23
N LEU A 568 -31.43 7.27 -7.82
CA LEU A 568 -32.67 7.65 -7.14
C LEU A 568 -33.67 8.35 -8.05
N GLY A 569 -33.38 8.45 -9.35
CA GLY A 569 -34.23 9.20 -10.26
C GLY A 569 -34.93 8.35 -11.29
N ASP A 570 -36.05 8.84 -11.80
CA ASP A 570 -36.83 8.18 -12.84
C ASP A 570 -36.93 9.09 -14.05
N ALA A 571 -37.47 8.55 -15.14
CA ALA A 571 -37.72 9.35 -16.33
C ALA A 571 -38.78 10.40 -16.11
N HIS A 572 -39.60 10.26 -15.07
CA HIS A 572 -40.71 11.17 -14.81
C HIS A 572 -40.37 12.24 -13.78
N SER A 573 -39.14 12.27 -13.30
CA SER A 573 -38.73 13.31 -12.35
C SER A 573 -38.50 14.63 -13.07
N PRO A 574 -38.50 15.74 -12.33
CA PRO A 574 -38.34 17.05 -12.97
C PRO A 574 -37.04 17.13 -13.75
N PRO A 575 -37.05 17.78 -14.92
CA PRO A 575 -35.80 17.90 -15.70
C PRO A 575 -34.78 18.84 -15.10
N LEU A 576 -35.13 19.61 -14.08
CA LEU A 576 -34.20 20.56 -13.49
C LEU A 576 -33.08 19.86 -12.73
N TYR A 577 -33.37 18.72 -12.12
CA TYR A 577 -32.37 18.04 -11.30
C TYR A 577 -31.23 17.51 -12.16
N THR A 578 -31.49 17.25 -13.44
CA THR A 578 -30.42 16.84 -14.38
C THR A 578 -29.33 17.91 -14.39
N TYR A 579 -29.68 19.13 -14.82
CA TYR A 579 -28.76 20.27 -14.91
C TYR A 579 -28.13 20.60 -13.57
N LEU A 580 -28.82 20.51 -12.46
CA LEU A 580 -28.26 20.93 -11.16
C LEU A 580 -27.29 19.90 -10.67
N THR A 581 -27.44 18.63 -11.07
CA THR A 581 -26.43 17.64 -10.71
C THR A 581 -25.33 17.42 -11.75
N LEU A 582 -25.57 17.79 -12.99
CA LEU A 582 -24.60 17.58 -14.07
C LEU A 582 -23.72 18.79 -14.33
N LEU A 583 -23.92 19.88 -13.60
CA LEU A 583 -23.08 21.07 -13.74
C LEU A 583 -21.79 20.93 -12.95
N PRO A 584 -21.82 20.41 -11.72
CA PRO A 584 -20.56 20.20 -10.99
C PRO A 584 -19.59 19.28 -11.69
N ALA A 585 -20.06 18.32 -12.49
CA ALA A 585 -19.14 17.48 -13.24
C ALA A 585 -18.35 18.31 -14.25
N THR A 586 -19.03 19.23 -14.94
CA THR A 586 -18.34 20.15 -15.84
C THR A 586 -17.37 21.03 -15.05
N TYR A 587 -17.76 21.47 -13.86
CA TYR A 587 -16.83 22.27 -13.05
C TYR A 587 -15.58 21.48 -12.69
N ASN A 588 -15.73 20.18 -12.41
CA ASN A 588 -14.57 19.34 -12.14
C ASN A 588 -13.66 19.26 -13.35
N SER A 589 -14.26 19.04 -14.52
CA SER A 589 -13.46 19.05 -15.74
C SER A 589 -12.79 20.39 -15.98
N MET A 590 -13.36 21.46 -15.42
CA MET A 590 -12.78 22.79 -15.53
C MET A 590 -11.60 22.99 -14.59
N ILE A 591 -11.67 22.43 -13.37
CA ILE A 591 -10.61 22.65 -12.39
C ILE A 591 -9.53 21.58 -12.39
N ASN A 592 -9.70 20.51 -13.18
CA ASN A 592 -8.63 19.51 -13.26
C ASN A 592 -7.31 20.08 -13.75
N PRO A 593 -7.27 20.88 -14.82
CA PRO A 593 -5.97 21.39 -15.30
C PRO A 593 -5.23 22.21 -14.25
N ILE A 594 -5.95 22.99 -13.45
CA ILE A 594 -5.31 23.79 -12.42
C ILE A 594 -4.63 22.90 -11.40
N ILE A 595 -5.30 21.83 -10.98
CA ILE A 595 -4.73 20.95 -9.96
C ILE A 595 -3.55 20.16 -10.51
N TYR A 596 -3.68 19.60 -11.72
CA TYR A 596 -2.70 18.63 -12.18
C TYR A 596 -1.69 19.16 -13.17
N ALA A 597 -2.01 20.21 -13.93
CA ALA A 597 -1.11 20.72 -14.96
C ALA A 597 -0.45 22.04 -14.56
N PHE A 598 -1.24 23.07 -14.25
CA PHE A 598 -0.67 24.39 -14.00
C PHE A 598 0.01 24.51 -12.65
N ARG A 599 -0.15 23.54 -11.75
CA ARG A 599 0.55 23.54 -10.48
C ARG A 599 1.96 22.95 -10.59
N ASN A 600 2.29 22.35 -11.72
CA ASN A 600 3.65 21.86 -11.95
C ASN A 600 4.59 23.05 -12.19
N GLN A 601 5.84 22.90 -11.76
CA GLN A 601 6.82 23.96 -11.87
C GLN A 601 7.59 23.92 -13.19
N ASP A 602 7.36 22.92 -14.04
CA ASP A 602 7.92 22.89 -15.38
C ASP A 602 6.96 23.43 -16.43
N VAL A 603 5.66 23.23 -16.23
CA VAL A 603 4.67 23.79 -17.14
C VAL A 603 4.62 25.31 -16.98
N GLN A 604 4.84 25.80 -15.77
CA GLN A 604 4.68 27.22 -15.50
C GLN A 604 5.72 28.06 -16.23
N LYS A 605 6.96 27.58 -16.32
CA LYS A 605 7.97 28.37 -17.02
C LYS A 605 7.62 28.51 -18.49
N VAL A 606 7.09 27.45 -19.09
CA VAL A 606 6.64 27.53 -20.48
C VAL A 606 5.46 28.49 -20.59
N LEU A 607 4.55 28.47 -19.62
CA LEU A 607 3.45 29.42 -19.62
C LEU A 607 3.97 30.85 -19.64
N TRP A 608 4.91 31.16 -18.75
CA TRP A 608 5.45 32.52 -18.69
C TRP A 608 6.19 32.88 -19.97
N ALA A 609 6.85 31.95 -20.65
CA ALA A 609 7.50 32.23 -21.96
C ALA A 609 6.56 33.00 -22.90
N PRO B 160 -48.79 -18.62 11.06
CA PRO B 160 -49.81 -19.67 11.02
C PRO B 160 -50.60 -19.66 9.72
N LEU B 161 -51.39 -18.61 9.51
CA LEU B 161 -52.18 -18.52 8.29
C LEU B 161 -51.33 -18.55 7.01
N PRO B 162 -50.19 -17.85 6.93
CA PRO B 162 -49.53 -17.69 5.63
C PRO B 162 -49.15 -18.98 4.93
N SER B 163 -49.17 -20.13 5.60
CA SER B 163 -48.94 -21.39 4.90
C SER B 163 -47.57 -21.41 4.22
N PRO B 164 -46.47 -21.58 4.98
CA PRO B 164 -45.12 -21.43 4.40
C PRO B 164 -44.93 -22.07 3.04
N LYS B 165 -44.06 -21.49 2.23
CA LYS B 165 -43.80 -21.90 0.86
C LYS B 165 -42.49 -22.68 0.77
N ALA B 166 -42.31 -23.37 -0.35
CA ALA B 166 -41.17 -24.27 -0.51
C ALA B 166 -39.84 -23.53 -0.52
N TRP B 167 -39.84 -22.22 -0.75
CA TRP B 167 -38.60 -21.45 -0.78
C TRP B 167 -38.22 -20.88 0.58
N ASP B 168 -39.05 -21.04 1.61
CA ASP B 168 -38.75 -20.54 2.93
C ASP B 168 -38.07 -21.58 3.81
N VAL B 169 -38.44 -22.86 3.64
CA VAL B 169 -37.77 -23.93 4.38
C VAL B 169 -36.30 -24.00 3.98
N VAL B 170 -36.02 -23.82 2.69
CA VAL B 170 -34.65 -23.84 2.21
C VAL B 170 -33.82 -22.73 2.83
N LEU B 171 -34.45 -21.67 3.31
CA LEU B 171 -33.74 -20.57 3.96
C LEU B 171 -33.65 -20.78 5.47
N CYS B 172 -34.68 -21.35 6.09
CA CYS B 172 -34.61 -21.67 7.52
C CYS B 172 -33.52 -22.70 7.80
N ILE B 173 -33.39 -23.72 6.94
CA ILE B 173 -32.36 -24.74 7.17
C ILE B 173 -30.97 -24.14 7.00
N SER B 174 -30.81 -23.25 6.03
CA SER B 174 -29.53 -22.55 5.89
C SER B 174 -29.23 -21.71 7.13
N GLY B 175 -30.25 -21.05 7.68
CA GLY B 175 -30.06 -20.33 8.93
C GLY B 175 -29.58 -21.23 10.04
N THR B 176 -30.19 -22.42 10.17
CA THR B 176 -29.77 -23.34 11.23
C THR B 176 -28.32 -23.78 11.04
N LEU B 177 -27.93 -24.11 9.80
CA LEU B 177 -26.56 -24.55 9.56
C LEU B 177 -25.56 -23.45 9.88
N VAL B 178 -25.84 -22.22 9.45
CA VAL B 178 -24.94 -21.10 9.75
C VAL B 178 -24.84 -20.90 11.25
N SER B 179 -25.97 -20.96 11.95
CA SER B 179 -25.97 -20.78 13.39
C SER B 179 -25.11 -21.83 14.07
N CYS B 180 -25.24 -23.09 13.67
CA CYS B 180 -24.46 -24.15 14.30
C CYS B 180 -22.96 -23.95 14.06
N GLU B 181 -22.56 -23.71 12.81
CA GLU B 181 -21.15 -23.53 12.51
C GLU B 181 -20.56 -22.39 13.34
N ASN B 182 -21.20 -21.22 13.31
CA ASN B 182 -20.58 -20.07 13.96
C ASN B 182 -20.70 -20.14 15.47
N ALA B 183 -21.71 -20.84 16.00
CA ALA B 183 -21.74 -21.09 17.42
C ALA B 183 -20.56 -21.93 17.86
N LEU B 184 -20.23 -22.96 17.06
CA LEU B 184 -19.04 -23.75 17.39
C LEU B 184 -17.78 -22.89 17.35
N VAL B 185 -17.64 -22.05 16.33
CA VAL B 185 -16.44 -21.22 16.23
C VAL B 185 -16.33 -20.27 17.42
N VAL B 186 -17.44 -19.62 17.78
CA VAL B 186 -17.42 -18.67 18.87
C VAL B 186 -17.11 -19.37 20.18
N ALA B 187 -17.68 -20.56 20.40
CA ALA B 187 -17.38 -21.31 21.61
C ALA B 187 -15.90 -21.63 21.69
N ILE B 188 -15.30 -22.05 20.59
CA ILE B 188 -13.86 -22.35 20.59
C ILE B 188 -13.07 -21.11 20.93
N ILE B 189 -13.39 -19.97 20.28
CA ILE B 189 -12.61 -18.76 20.50
C ILE B 189 -12.71 -18.30 21.96
N VAL B 190 -13.92 -18.26 22.50
CA VAL B 190 -14.11 -17.75 23.85
C VAL B 190 -13.55 -18.70 24.90
N GLY B 191 -13.64 -20.01 24.67
CA GLY B 191 -13.19 -20.95 25.69
C GLY B 191 -11.70 -20.85 25.97
N THR B 192 -10.88 -20.78 24.92
CA THR B 192 -9.44 -20.80 25.09
C THR B 192 -8.94 -19.41 25.44
N PRO B 193 -8.29 -19.21 26.59
CA PRO B 193 -7.81 -17.86 26.94
C PRO B 193 -6.57 -17.42 26.18
N ALA B 194 -5.94 -18.31 25.41
CA ALA B 194 -4.75 -17.92 24.66
C ALA B 194 -5.11 -17.09 23.43
N PHE B 195 -6.36 -17.16 22.97
CA PHE B 195 -6.79 -16.48 21.75
C PHE B 195 -7.28 -15.08 22.12
N ARG B 196 -6.32 -14.15 22.23
CA ARG B 196 -6.66 -12.77 22.56
C ARG B 196 -5.89 -11.76 21.70
N ALA B 197 -5.21 -12.21 20.66
CA ALA B 197 -4.54 -11.29 19.75
C ALA B 197 -5.57 -10.59 18.88
N PRO B 198 -5.21 -9.46 18.26
CA PRO B 198 -6.18 -8.74 17.42
C PRO B 198 -6.79 -9.61 16.33
N MET B 199 -5.99 -10.50 15.74
CA MET B 199 -6.50 -11.41 14.70
C MET B 199 -7.72 -12.17 15.25
N PHE B 200 -7.61 -12.70 16.48
CA PHE B 200 -8.69 -13.51 17.04
C PHE B 200 -9.88 -12.65 17.43
N LEU B 201 -9.66 -11.41 17.87
CA LEU B 201 -10.78 -10.52 18.12
C LEU B 201 -11.58 -10.28 16.85
N LEU B 202 -10.89 -10.00 15.75
CA LEU B 202 -11.59 -9.75 14.49
C LEU B 202 -12.31 -11.01 13.98
N VAL B 203 -11.65 -12.16 14.06
CA VAL B 203 -12.27 -13.41 13.60
C VAL B 203 -13.40 -13.86 14.52
N GLY B 204 -13.44 -13.38 15.76
CA GLY B 204 -14.56 -13.66 16.63
C GLY B 204 -15.71 -12.71 16.38
N SER B 205 -15.40 -11.47 16.04
CA SER B 205 -16.46 -10.54 15.63
C SER B 205 -17.17 -11.02 14.38
N LEU B 206 -16.39 -11.53 13.41
CA LEU B 206 -17.00 -12.08 12.20
C LEU B 206 -17.94 -13.24 12.54
N ALA B 207 -17.51 -14.14 13.42
CA ALA B 207 -18.34 -15.28 13.79
C ALA B 207 -19.60 -14.83 14.52
N VAL B 208 -19.49 -13.82 15.39
CA VAL B 208 -20.67 -13.31 16.07
C VAL B 208 -21.67 -12.74 15.07
N ALA B 209 -21.18 -11.99 14.09
CA ALA B 209 -22.08 -11.44 13.07
C ALA B 209 -22.79 -12.53 12.29
N ASP B 210 -22.11 -13.50 11.77
CA ASP B 210 -22.75 -14.62 11.07
C ASP B 210 -23.59 -15.50 11.96
N LEU B 211 -23.36 -15.63 13.26
CA LEU B 211 -24.30 -16.29 14.15
C LEU B 211 -25.58 -15.48 14.31
N LEU B 212 -25.46 -14.17 14.44
CA LEU B 212 -26.64 -13.32 14.49
C LEU B 212 -27.47 -13.45 13.22
N ALA B 213 -26.82 -13.45 12.06
CA ALA B 213 -27.56 -13.58 10.81
C ALA B 213 -28.34 -14.89 10.77
N GLY B 214 -27.68 -16.01 11.12
CA GLY B 214 -28.35 -17.29 11.07
C GLY B 214 -29.52 -17.39 12.05
N LEU B 215 -29.29 -16.96 13.30
CA LEU B 215 -30.37 -16.99 14.27
C LEU B 215 -31.51 -16.08 13.86
N GLY B 216 -31.20 -14.93 13.25
CA GLY B 216 -32.24 -14.07 12.74
C GLY B 216 -33.07 -14.72 11.66
N LEU B 217 -32.42 -15.44 10.75
CA LEU B 217 -33.16 -16.14 9.70
C LEU B 217 -34.10 -17.17 10.31
N VAL B 218 -33.60 -17.97 11.26
CA VAL B 218 -34.44 -19.01 11.85
C VAL B 218 -35.62 -18.37 12.59
N LEU B 219 -35.35 -17.34 13.40
CA LEU B 219 -36.41 -16.72 14.18
C LEU B 219 -37.42 -16.01 13.29
N HIS B 220 -36.96 -15.39 12.20
CA HIS B 220 -37.88 -14.75 11.27
C HIS B 220 -38.81 -15.78 10.64
N PHE B 221 -38.26 -16.91 10.20
CA PHE B 221 -39.14 -17.95 9.66
C PHE B 221 -40.11 -18.45 10.72
N ALA B 222 -39.68 -18.51 11.97
CA ALA B 222 -40.56 -18.99 13.03
C ALA B 222 -41.55 -17.93 13.52
N ALA B 223 -41.38 -16.67 13.13
CA ALA B 223 -42.25 -15.59 13.57
C ALA B 223 -43.24 -15.13 12.51
N VAL B 224 -43.17 -15.67 11.30
CA VAL B 224 -44.12 -15.33 10.24
C VAL B 224 -45.05 -16.50 9.90
N PHE B 225 -44.65 -17.73 10.23
CA PHE B 225 -45.43 -18.90 9.87
C PHE B 225 -45.88 -19.72 11.07
N CYS B 226 -45.44 -19.40 12.27
CA CYS B 226 -45.83 -20.10 13.49
C CYS B 226 -46.37 -19.17 14.56
N ILE B 227 -45.82 -17.97 14.69
CA ILE B 227 -46.27 -16.99 15.66
C ILE B 227 -46.63 -15.73 14.87
N GLY B 228 -47.89 -15.62 14.46
CA GLY B 228 -48.34 -14.48 13.70
C GLY B 228 -48.05 -13.23 14.50
N SER B 229 -47.22 -12.34 13.96
CA SER B 229 -46.85 -11.11 14.65
C SER B 229 -46.07 -10.24 13.68
N ALA B 230 -46.64 -9.10 13.30
CA ALA B 230 -45.96 -8.20 12.38
C ALA B 230 -44.83 -7.45 13.09
N GLU B 231 -45.04 -7.11 14.36
CA GLU B 231 -44.02 -6.37 15.11
C GLU B 231 -42.72 -7.17 15.19
N MET B 232 -42.84 -8.46 15.52
CA MET B 232 -41.65 -9.30 15.65
C MET B 232 -40.93 -9.46 14.32
N SER B 233 -41.68 -9.62 13.23
CA SER B 233 -41.06 -9.73 11.91
C SER B 233 -40.32 -8.46 11.55
N LEU B 234 -40.93 -7.30 11.80
CA LEU B 234 -40.27 -6.04 11.50
C LEU B 234 -39.01 -5.88 12.33
N VAL B 235 -39.07 -6.27 13.62
CA VAL B 235 -37.89 -6.16 14.46
C VAL B 235 -36.79 -7.09 13.99
N LEU B 236 -37.15 -8.28 13.48
CA LEU B 236 -36.17 -9.27 13.08
C LEU B 236 -35.60 -9.06 11.69
N VAL B 237 -36.24 -8.23 10.86
CA VAL B 237 -35.60 -7.84 9.60
C VAL B 237 -34.43 -6.89 9.86
N GLY B 238 -34.57 -5.97 10.81
CA GLY B 238 -33.46 -5.10 11.15
C GLY B 238 -32.28 -5.85 11.73
N VAL B 239 -32.55 -6.91 12.48
CA VAL B 239 -31.48 -7.74 13.02
C VAL B 239 -30.68 -8.37 11.90
N LEU B 240 -31.37 -8.88 10.87
CA LEU B 240 -30.66 -9.47 9.73
C LEU B 240 -29.86 -8.42 8.96
N ALA B 241 -30.44 -7.22 8.79
CA ALA B 241 -29.69 -6.16 8.10
C ALA B 241 -28.43 -5.81 8.87
N MET B 242 -28.54 -5.69 10.20
CA MET B 242 -27.36 -5.40 11.02
C MET B 242 -26.35 -6.53 10.95
N ALA B 243 -26.81 -7.77 10.98
CA ALA B 243 -25.90 -8.90 10.93
C ALA B 243 -25.12 -8.91 9.63
N PHE B 244 -25.79 -8.69 8.49
CA PHE B 244 -25.08 -8.69 7.22
C PHE B 244 -24.12 -7.50 7.11
N THR B 245 -24.53 -6.31 7.58
CA THR B 245 -23.62 -5.17 7.55
C THR B 245 -22.37 -5.42 8.39
N ALA B 246 -22.54 -5.96 9.60
CA ALA B 246 -21.40 -6.27 10.45
C ALA B 246 -20.54 -7.38 9.88
N SER B 247 -21.14 -8.39 9.25
CA SER B 247 -20.40 -9.47 8.61
C SER B 247 -19.62 -9.02 7.38
N ILE B 248 -20.03 -7.93 6.74
CA ILE B 248 -19.26 -7.40 5.61
C ILE B 248 -18.21 -6.41 6.09
N GLY B 249 -18.46 -5.77 7.24
CA GLY B 249 -17.44 -4.90 7.80
C GLY B 249 -16.30 -5.67 8.46
N SER B 250 -16.60 -6.83 9.04
CA SER B 250 -15.55 -7.62 9.69
C SER B 250 -14.56 -8.17 8.68
N LEU B 251 -15.01 -8.50 7.47
CA LEU B 251 -14.08 -8.93 6.43
C LEU B 251 -13.11 -7.81 6.06
N LEU B 252 -13.60 -6.59 5.93
CA LEU B 252 -12.72 -5.46 5.63
C LEU B 252 -11.72 -5.25 6.77
N ALA B 253 -12.18 -5.35 8.02
CA ALA B 253 -11.26 -5.22 9.14
C ALA B 253 -10.18 -6.30 9.11
N ILE B 254 -10.57 -7.55 8.83
CA ILE B 254 -9.60 -8.63 8.76
C ILE B 254 -8.59 -8.38 7.66
N THR B 255 -9.05 -7.95 6.49
CA THR B 255 -8.15 -7.75 5.36
C THR B 255 -7.17 -6.61 5.63
N VAL B 256 -7.64 -5.51 6.22
CA VAL B 256 -6.72 -4.42 6.52
C VAL B 256 -5.72 -4.84 7.59
N ASP B 257 -6.15 -5.67 8.55
CA ASP B 257 -5.20 -6.20 9.53
C ASP B 257 -4.14 -7.06 8.86
N ARG B 258 -4.56 -7.92 7.93
CA ARG B 258 -3.61 -8.79 7.20
C ARG B 258 -2.60 -7.91 6.46
N TYR B 259 -3.07 -6.89 5.75
CA TYR B 259 -2.17 -6.05 4.96
C TYR B 259 -1.20 -5.30 5.85
N LEU B 260 -1.69 -4.76 6.97
CA LEU B 260 -0.80 -4.00 7.85
C LEU B 260 0.20 -4.91 8.54
N SER B 261 -0.14 -6.17 8.80
CA SER B 261 0.82 -7.09 9.39
C SER B 261 1.89 -7.49 8.38
N LEU B 262 1.50 -7.66 7.11
CA LEU B 262 2.48 -7.98 6.08
C LEU B 262 3.37 -6.79 5.78
N TYR B 263 2.86 -5.58 5.93
CA TYR B 263 3.62 -4.37 5.61
C TYR B 263 4.41 -3.88 6.81
N ASN B 264 3.74 -3.55 7.91
CA ASN B 264 4.39 -3.07 9.13
C ASN B 264 4.91 -4.27 9.90
N ALA B 265 5.91 -4.92 9.34
CA ALA B 265 6.43 -6.15 9.93
C ALA B 265 7.00 -5.94 11.32
N LEU B 266 7.50 -4.73 11.61
CA LEU B 266 8.09 -4.44 12.92
C LEU B 266 7.31 -3.43 13.74
N THR B 267 6.40 -2.67 13.13
CA THR B 267 5.54 -1.75 13.86
C THR B 267 4.19 -2.36 14.22
N TYR B 268 3.78 -3.43 13.54
CA TYR B 268 2.50 -4.07 13.82
C TYR B 268 2.47 -4.69 15.20
N TYR B 269 3.61 -5.08 15.76
CA TYR B 269 3.67 -5.73 17.05
C TYR B 269 3.89 -4.73 18.19
N SER B 270 3.56 -3.47 17.97
CA SER B 270 3.59 -2.46 19.01
C SER B 270 2.23 -2.41 19.70
N GLU B 271 2.00 -1.39 20.53
CA GLU B 271 0.75 -1.24 21.23
C GLU B 271 -0.26 -0.37 20.47
N THR B 272 0.09 0.13 19.30
CA THR B 272 -0.85 0.86 18.47
C THR B 272 -1.67 -0.05 17.57
N THR B 273 -1.36 -1.35 17.54
CA THR B 273 -2.16 -2.33 16.83
C THR B 273 -3.37 -2.79 17.63
N VAL B 274 -3.42 -2.50 18.92
CA VAL B 274 -4.57 -2.81 19.76
C VAL B 274 -5.57 -1.66 19.76
N THR B 275 -5.08 -0.43 19.87
CA THR B 275 -5.96 0.73 19.74
C THR B 275 -6.59 0.76 18.35
N ARG B 276 -5.82 0.44 17.32
CA ARG B 276 -6.36 0.39 15.97
C ARG B 276 -7.44 -0.67 15.85
N THR B 277 -7.22 -1.85 16.44
CA THR B 277 -8.22 -2.90 16.36
C THR B 277 -9.50 -2.51 17.09
N TYR B 278 -9.37 -1.88 18.26
CA TYR B 278 -10.55 -1.42 18.98
C TYR B 278 -11.31 -0.36 18.18
N VAL B 279 -10.57 0.56 17.54
CA VAL B 279 -11.23 1.57 16.71
C VAL B 279 -11.96 0.92 15.56
N MET B 280 -11.34 -0.08 14.92
CA MET B 280 -11.99 -0.75 13.79
C MET B 280 -13.23 -1.50 14.24
N LEU B 281 -13.17 -2.19 15.39
CA LEU B 281 -14.35 -2.88 15.89
C LEU B 281 -15.47 -1.90 16.20
N ALA B 282 -15.14 -0.78 16.83
CA ALA B 282 -16.16 0.23 17.12
C ALA B 282 -16.78 0.76 15.83
N LEU B 283 -15.96 1.04 14.83
CA LEU B 283 -16.49 1.52 13.55
C LEU B 283 -17.41 0.48 12.93
N VAL B 284 -16.99 -0.78 12.91
CA VAL B 284 -17.78 -1.83 12.27
C VAL B 284 -19.14 -1.98 12.94
N TRP B 285 -19.13 -2.13 14.26
CA TRP B 285 -20.37 -2.39 14.99
C TRP B 285 -21.15 -1.13 15.31
N GLY B 286 -20.64 0.05 14.95
CA GLY B 286 -21.44 1.26 14.99
C GLY B 286 -22.09 1.52 13.66
N GLY B 287 -21.35 1.27 12.57
CA GLY B 287 -21.96 1.36 11.26
C GLY B 287 -23.04 0.33 11.03
N ALA B 288 -22.83 -0.89 11.54
CA ALA B 288 -23.85 -1.92 11.41
C ALA B 288 -25.15 -1.49 12.08
N LEU B 289 -25.05 -0.88 13.26
CA LEU B 289 -26.22 -0.45 14.00
C LEU B 289 -26.84 0.81 13.40
N GLY B 290 -26.02 1.71 12.85
CA GLY B 290 -26.56 2.88 12.19
C GLY B 290 -27.29 2.56 10.90
N LEU B 291 -26.79 1.58 10.14
CA LEU B 291 -27.41 1.16 8.90
C LEU B 291 -28.32 -0.06 9.07
N GLY B 292 -28.54 -0.53 10.30
CA GLY B 292 -29.56 -1.51 10.60
C GLY B 292 -30.58 -0.95 11.58
N LEU B 293 -30.64 0.39 11.65
CA LEU B 293 -31.58 1.12 12.48
C LEU B 293 -32.70 1.76 11.67
N LEU B 294 -32.66 1.61 10.35
CA LEU B 294 -33.55 2.32 9.45
C LEU B 294 -34.92 1.64 9.38
N PRO B 295 -35.00 0.31 9.30
CA PRO B 295 -36.33 -0.33 9.29
C PRO B 295 -37.16 0.00 10.51
N VAL B 296 -36.53 0.19 11.67
CA VAL B 296 -37.23 0.45 12.92
C VAL B 296 -37.33 1.96 13.09
N LEU B 297 -37.10 2.71 12.02
CA LEU B 297 -36.99 4.16 12.09
C LEU B 297 -37.74 4.75 10.90
N ALA B 298 -37.47 6.02 10.62
CA ALA B 298 -38.25 6.75 9.63
C ALA B 298 -38.30 6.01 8.29
N TRP B 299 -37.14 5.55 7.81
CA TRP B 299 -37.09 4.96 6.48
C TRP B 299 -37.73 3.58 6.49
N ASN B 300 -39.06 3.55 6.57
CA ASN B 300 -39.84 2.33 6.48
C ASN B 300 -40.95 2.54 5.48
N CYS B 301 -41.37 1.46 4.83
CA CYS B 301 -42.39 1.53 3.81
C CYS B 301 -43.73 0.97 4.28
N LEU B 302 -43.89 0.74 5.59
CA LEU B 302 -45.10 0.13 6.10
C LEU B 302 -46.31 1.05 5.96
N ASP B 303 -46.12 2.35 6.15
CA ASP B 303 -47.22 3.29 6.15
C ASP B 303 -47.78 3.57 4.76
N GLY B 304 -47.07 3.20 3.70
CA GLY B 304 -47.49 3.50 2.35
C GLY B 304 -47.00 4.86 1.88
N LEU B 305 -46.89 4.98 0.57
CA LEU B 305 -46.41 6.19 -0.11
C LEU B 305 -44.90 6.38 0.03
N THR B 306 -44.14 5.30 0.24
CA THR B 306 -42.69 5.39 0.38
C THR B 306 -41.93 4.44 -0.56
N THR B 307 -42.62 3.82 -1.51
CA THR B 307 -41.99 3.11 -2.63
C THR B 307 -41.11 1.98 -2.08
N CYS B 308 -41.78 0.98 -1.50
CA CYS B 308 -41.10 -0.21 -1.01
C CYS B 308 -40.10 -0.78 -2.00
N GLY B 309 -38.96 -1.24 -1.50
CA GLY B 309 -37.94 -1.88 -2.29
C GLY B 309 -38.18 -3.34 -2.56
N VAL B 310 -37.13 -4.03 -3.02
CA VAL B 310 -37.23 -5.44 -3.35
C VAL B 310 -37.49 -6.32 -2.14
N VAL B 311 -37.18 -5.84 -0.93
CA VAL B 311 -37.50 -6.53 0.31
C VAL B 311 -38.60 -5.74 0.99
N TYR B 312 -39.73 -6.39 1.25
CA TYR B 312 -40.98 -5.67 1.51
C TYR B 312 -40.84 -4.60 2.58
N PRO B 313 -40.51 -4.94 3.83
CA PRO B 313 -40.52 -3.91 4.87
C PRO B 313 -39.57 -2.77 4.59
N LEU B 314 -38.42 -3.03 3.97
CA LEU B 314 -37.43 -1.99 3.77
C LEU B 314 -37.89 -0.99 2.71
N SER B 315 -37.30 0.19 2.75
CA SER B 315 -37.60 1.25 1.81
C SER B 315 -36.77 1.04 0.54
N LYS B 316 -36.81 2.02 -0.37
CA LYS B 316 -35.99 1.97 -1.57
C LYS B 316 -34.75 2.83 -1.48
N ASN B 317 -34.80 3.92 -0.71
CA ASN B 317 -33.60 4.73 -0.49
C ASN B 317 -32.63 4.02 0.44
N HIS B 318 -33.15 3.32 1.45
CA HIS B 318 -32.29 2.59 2.37
C HIS B 318 -31.49 1.52 1.65
N LEU B 319 -32.14 0.77 0.76
CA LEU B 319 -31.44 -0.28 0.03
C LEU B 319 -30.44 0.29 -0.96
N VAL B 320 -30.75 1.42 -1.59
CA VAL B 320 -29.78 2.06 -2.49
C VAL B 320 -28.56 2.53 -1.72
N VAL B 321 -28.77 3.10 -0.52
CA VAL B 321 -27.64 3.53 0.30
C VAL B 321 -26.79 2.33 0.69
N LEU B 322 -27.43 1.22 1.05
CA LEU B 322 -26.68 0.02 1.40
C LEU B 322 -25.87 -0.49 0.20
N ALA B 323 -26.46 -0.48 -0.99
CA ALA B 323 -25.72 -0.92 -2.17
C ALA B 323 -24.55 0.00 -2.48
N ILE B 324 -24.75 1.31 -2.36
CA ILE B 324 -23.67 2.26 -2.58
C ILE B 324 -22.53 2.00 -1.62
N ALA B 325 -22.85 1.78 -0.34
CA ALA B 325 -21.81 1.49 0.65
C ALA B 325 -21.09 0.19 0.32
N PHE B 326 -21.82 -0.83 -0.12
CA PHE B 326 -21.16 -2.09 -0.47
C PHE B 326 -20.19 -1.91 -1.62
N PHE B 327 -20.59 -1.16 -2.64
CA PHE B 327 -19.71 -0.99 -3.80
C PHE B 327 -18.51 -0.11 -3.45
N MET B 328 -18.68 0.84 -2.54
CA MET B 328 -17.51 1.59 -2.05
C MET B 328 -16.57 0.68 -1.27
N VAL B 329 -17.12 -0.23 -0.47
CA VAL B 329 -16.27 -1.11 0.33
C VAL B 329 -15.70 -2.25 -0.51
N PHE B 330 -16.35 -2.62 -1.60
CA PHE B 330 -15.80 -3.63 -2.49
C PHE B 330 -14.56 -3.10 -3.22
N GLY B 331 -14.56 -1.81 -3.57
CA GLY B 331 -13.40 -1.25 -4.24
C GLY B 331 -12.17 -1.21 -3.33
N ILE B 332 -12.38 -0.96 -2.05
CA ILE B 332 -11.26 -0.94 -1.10
C ILE B 332 -10.59 -2.30 -1.02
N MET B 333 -11.39 -3.37 -1.04
CA MET B 333 -10.83 -4.71 -0.98
C MET B 333 -10.00 -5.02 -2.22
N LEU B 334 -10.43 -4.54 -3.39
CA LEU B 334 -9.65 -4.76 -4.60
C LEU B 334 -8.27 -4.16 -4.48
N GLN B 335 -8.18 -2.93 -3.97
CA GLN B 335 -6.87 -2.29 -3.79
C GLN B 335 -6.06 -2.98 -2.70
N LEU B 336 -6.71 -3.37 -1.60
CA LEU B 336 -5.98 -4.05 -0.53
C LEU B 336 -5.36 -5.34 -1.03
N TYR B 337 -6.10 -6.12 -1.83
CA TYR B 337 -5.52 -7.33 -2.39
C TYR B 337 -4.50 -7.05 -3.49
N ALA B 338 -4.68 -5.96 -4.24
CA ALA B 338 -3.67 -5.58 -5.21
C ALA B 338 -2.36 -5.18 -4.53
N GLN B 339 -2.43 -4.76 -3.26
CA GLN B 339 -1.22 -4.40 -2.48
C GLN B 339 -0.63 -5.66 -1.83
N ILE B 340 -1.46 -6.63 -1.43
CA ILE B 340 -0.95 -7.87 -0.86
C ILE B 340 -0.29 -8.74 -1.93
N CYS B 341 -0.74 -8.63 -3.18
CA CYS B 341 -0.13 -9.42 -4.26
C CYS B 341 1.33 -9.04 -4.48
N ARG B 342 1.65 -7.74 -4.40
CA ARG B 342 3.02 -7.31 -4.61
C ARG B 342 3.94 -7.87 -3.52
N ILE B 343 3.47 -7.89 -2.27
CA ILE B 343 4.29 -8.43 -1.19
C ILE B 343 4.50 -9.92 -1.38
N VAL B 344 3.43 -10.66 -1.68
CA VAL B 344 3.54 -12.10 -1.89
C VAL B 344 4.28 -12.38 -3.20
N CYS B 345 3.92 -11.67 -4.26
CA CYS B 345 4.50 -11.93 -5.58
C CYS B 345 5.64 -10.95 -5.87
N ARG B 542 2.79 -18.26 -6.89
CA ARG B 542 1.91 -18.94 -7.83
C ARG B 542 0.83 -19.70 -7.09
N LYS B 543 1.19 -20.33 -5.99
CA LYS B 543 0.22 -20.98 -5.11
C LYS B 543 -0.27 -20.08 -3.99
N GLY B 544 0.28 -18.87 -3.89
CA GLY B 544 -0.19 -17.90 -2.91
C GLY B 544 -1.06 -16.84 -3.55
N ILE B 545 -1.15 -16.85 -4.88
CA ILE B 545 -2.00 -15.93 -5.62
C ILE B 545 -3.32 -16.63 -5.94
N ALA B 546 -3.26 -17.94 -6.17
CA ALA B 546 -4.48 -18.69 -6.41
C ALA B 546 -5.40 -18.65 -5.20
N THR B 547 -4.84 -18.76 -4.00
CA THR B 547 -5.66 -18.69 -2.80
C THR B 547 -6.31 -17.33 -2.63
N LEU B 548 -5.57 -16.25 -2.91
CA LEU B 548 -6.17 -14.91 -2.84
C LEU B 548 -7.29 -14.76 -3.85
N ALA B 549 -7.07 -15.26 -5.07
CA ALA B 549 -8.12 -15.17 -6.09
C ALA B 549 -9.35 -15.95 -5.67
N VAL B 550 -9.18 -17.14 -5.10
CA VAL B 550 -10.32 -17.93 -4.67
C VAL B 550 -11.06 -17.23 -3.53
N VAL B 551 -10.32 -16.67 -2.58
CA VAL B 551 -10.97 -16.04 -1.42
C VAL B 551 -11.73 -14.78 -1.85
N LEU B 552 -11.21 -14.04 -2.84
CA LEU B 552 -11.95 -12.87 -3.31
C LEU B 552 -13.12 -13.26 -4.21
N GLY B 553 -12.99 -14.34 -4.98
CA GLY B 553 -14.10 -14.81 -5.78
C GLY B 553 -15.26 -15.32 -4.93
N ALA B 554 -14.95 -16.03 -3.84
CA ALA B 554 -16.00 -16.53 -2.96
C ALA B 554 -16.80 -15.40 -2.34
N PHE B 555 -16.26 -14.20 -2.28
CA PHE B 555 -16.94 -13.04 -1.71
C PHE B 555 -17.71 -12.27 -2.79
N ALA B 556 -17.05 -12.02 -3.93
CA ALA B 556 -17.73 -11.32 -5.02
C ALA B 556 -18.90 -12.14 -5.54
N ALA B 557 -18.66 -13.41 -5.89
CA ALA B 557 -19.72 -14.23 -6.46
C ALA B 557 -20.88 -14.41 -5.51
N CYS B 558 -20.66 -14.24 -4.21
CA CYS B 558 -21.73 -14.42 -3.23
C CYS B 558 -22.51 -13.14 -2.98
N TRP B 559 -21.87 -11.97 -3.04
CA TRP B 559 -22.56 -10.74 -2.67
C TRP B 559 -22.93 -9.83 -3.84
N LEU B 560 -22.35 -10.01 -5.03
CA LEU B 560 -22.71 -9.17 -6.17
C LEU B 560 -24.15 -9.39 -6.63
N PRO B 561 -24.63 -10.63 -6.75
CA PRO B 561 -26.00 -10.82 -7.24
C PRO B 561 -27.05 -9.98 -6.52
N PHE B 562 -27.10 -10.02 -5.18
CA PHE B 562 -28.14 -9.27 -4.47
C PHE B 562 -27.93 -7.77 -4.62
N THR B 563 -26.72 -7.29 -4.35
CA THR B 563 -26.47 -5.85 -4.38
C THR B 563 -26.67 -5.26 -5.77
N VAL B 564 -26.59 -6.07 -6.83
CA VAL B 564 -26.86 -5.58 -8.17
C VAL B 564 -28.35 -5.65 -8.48
N TYR B 565 -29.01 -6.77 -8.15
CA TYR B 565 -30.46 -6.83 -8.31
C TYR B 565 -31.16 -5.82 -7.43
N CYS B 566 -30.52 -5.38 -6.35
CA CYS B 566 -31.08 -4.35 -5.48
C CYS B 566 -31.27 -3.03 -6.19
N LEU B 567 -30.52 -2.76 -7.26
CA LEU B 567 -30.62 -1.52 -8.01
C LEU B 567 -31.42 -1.65 -9.29
N LEU B 568 -31.54 -2.85 -9.86
CA LEU B 568 -32.31 -3.09 -11.06
C LEU B 568 -33.70 -3.64 -10.78
N GLY B 569 -34.08 -3.77 -9.52
CA GLY B 569 -35.33 -4.37 -9.13
C GLY B 569 -36.34 -3.35 -8.65
N ASP B 570 -37.60 -3.80 -8.55
CA ASP B 570 -38.71 -2.96 -8.14
C ASP B 570 -39.68 -3.80 -7.32
N ALA B 571 -40.59 -3.10 -6.63
CA ALA B 571 -41.57 -3.80 -5.81
C ALA B 571 -42.48 -4.71 -6.62
N HIS B 572 -42.59 -4.48 -7.92
CA HIS B 572 -43.48 -5.26 -8.78
C HIS B 572 -42.76 -6.41 -9.47
N SER B 573 -41.49 -6.65 -9.17
CA SER B 573 -40.78 -7.77 -9.75
C SER B 573 -41.29 -9.08 -9.16
N PRO B 574 -41.08 -10.19 -9.84
CA PRO B 574 -41.48 -11.49 -9.29
C PRO B 574 -40.80 -11.75 -7.97
N PRO B 575 -41.50 -12.36 -7.00
CA PRO B 575 -40.88 -12.59 -5.69
C PRO B 575 -39.82 -13.67 -5.67
N LEU B 576 -39.63 -14.38 -6.78
CA LEU B 576 -38.65 -15.48 -6.80
C LEU B 576 -37.23 -14.95 -6.84
N TYR B 577 -37.01 -13.77 -7.43
CA TYR B 577 -35.66 -13.25 -7.57
C TYR B 577 -35.05 -12.90 -6.21
N THR B 578 -35.87 -12.43 -5.26
CA THR B 578 -35.33 -12.13 -3.94
C THR B 578 -34.78 -13.38 -3.27
N TYR B 579 -35.52 -14.49 -3.35
CA TYR B 579 -35.00 -15.75 -2.83
C TYR B 579 -33.77 -16.21 -3.60
N LEU B 580 -33.80 -16.07 -4.92
CA LEU B 580 -32.75 -16.64 -5.75
C LEU B 580 -31.44 -15.86 -5.69
N THR B 581 -31.49 -14.58 -5.28
CA THR B 581 -30.28 -13.77 -5.14
C THR B 581 -29.85 -13.60 -3.69
N LEU B 582 -30.73 -13.86 -2.73
CA LEU B 582 -30.40 -13.75 -1.32
C LEU B 582 -30.00 -15.08 -0.71
N LEU B 583 -29.98 -16.15 -1.48
CA LEU B 583 -29.53 -17.45 -1.00
C LEU B 583 -28.01 -17.52 -1.03
N PRO B 584 -27.36 -17.09 -2.13
CA PRO B 584 -25.89 -17.03 -2.11
C PRO B 584 -25.36 -16.15 -0.99
N ALA B 585 -26.03 -15.05 -0.68
CA ALA B 585 -25.59 -14.20 0.42
C ALA B 585 -25.63 -14.96 1.73
N THR B 586 -26.66 -15.78 1.94
CA THR B 586 -26.73 -16.62 3.13
C THR B 586 -25.60 -17.64 3.14
N TYR B 587 -25.28 -18.23 1.99
CA TYR B 587 -24.23 -19.24 1.92
C TYR B 587 -22.84 -18.67 2.10
N ASN B 588 -22.69 -17.35 2.11
CA ASN B 588 -21.39 -16.75 2.38
C ASN B 588 -21.01 -16.83 3.85
N SER B 589 -22.00 -16.98 4.74
CA SER B 589 -21.75 -17.15 6.15
C SER B 589 -21.48 -18.60 6.54
N MET B 590 -21.59 -19.53 5.59
CA MET B 590 -21.23 -20.92 5.83
C MET B 590 -19.78 -21.22 5.51
N ILE B 591 -19.16 -20.45 4.61
CA ILE B 591 -17.76 -20.66 4.24
C ILE B 591 -16.81 -19.69 4.93
N ASN B 592 -17.33 -18.67 5.61
CA ASN B 592 -16.45 -17.78 6.37
C ASN B 592 -15.72 -18.51 7.49
N PRO B 593 -16.38 -19.31 8.32
CA PRO B 593 -15.64 -20.04 9.36
C PRO B 593 -14.56 -20.94 8.79
N ILE B 594 -14.82 -21.57 7.64
CA ILE B 594 -13.83 -22.46 7.04
C ILE B 594 -12.62 -21.66 6.57
N ILE B 595 -12.85 -20.52 5.92
CA ILE B 595 -11.74 -19.75 5.36
C ILE B 595 -10.93 -19.10 6.47
N TYR B 596 -11.59 -18.51 7.46
CA TYR B 596 -10.91 -17.63 8.41
C TYR B 596 -10.66 -18.24 9.79
N ALA B 597 -11.37 -19.29 10.15
CA ALA B 597 -11.24 -19.86 11.49
C ALA B 597 -10.72 -21.29 11.50
N PHE B 598 -11.32 -22.18 10.73
CA PHE B 598 -10.93 -23.59 10.76
C PHE B 598 -9.66 -23.88 9.98
N ARG B 599 -9.19 -22.93 9.17
CA ARG B 599 -7.92 -23.10 8.48
C ARG B 599 -6.72 -22.73 9.35
N ASN B 600 -6.95 -22.08 10.49
CA ASN B 600 -5.87 -21.81 11.43
C ASN B 600 -5.46 -23.11 12.12
N GLN B 601 -4.20 -23.18 12.53
CA GLN B 601 -3.66 -24.40 13.10
C GLN B 601 -3.88 -24.51 14.60
N ASP B 602 -3.83 -23.39 15.33
CA ASP B 602 -4.18 -23.43 16.74
C ASP B 602 -5.64 -23.80 16.92
N VAL B 603 -6.53 -23.23 16.09
CA VAL B 603 -7.95 -23.56 16.17
C VAL B 603 -8.17 -25.04 15.88
N GLN B 604 -7.46 -25.57 14.87
CA GLN B 604 -7.59 -26.99 14.57
C GLN B 604 -7.11 -27.84 15.74
N LYS B 605 -5.99 -27.47 16.36
CA LYS B 605 -5.50 -28.22 17.52
C LYS B 605 -6.54 -28.25 18.63
N VAL B 606 -7.14 -27.09 18.92
CA VAL B 606 -8.17 -27.05 19.97
C VAL B 606 -9.38 -27.88 19.55
N LEU B 607 -9.63 -28.11 18.26
CA LEU B 607 -10.87 -28.77 17.75
C LEU B 607 -10.74 -30.27 17.72
N TRP B 608 -9.54 -30.82 17.65
CA TRP B 608 -9.36 -32.29 17.48
C TRP B 608 -9.50 -32.97 18.83
N ALA B 609 -9.74 -32.19 19.89
CA ALA B 609 -10.03 -32.73 21.25
C ALA B 609 -11.54 -33.00 21.40
N GLY C 1 7.90 -9.57 -4.37
CA GLY C 1 8.48 -10.15 -3.17
C GLY C 1 9.79 -10.85 -3.44
N ILE C 2 9.72 -12.17 -3.64
CA ILE C 2 10.91 -12.96 -3.92
C ILE C 2 11.22 -12.89 -5.41
N ASP C 3 12.48 -12.63 -5.73
CA ASP C 3 12.95 -12.54 -7.11
C ASP C 3 13.56 -13.88 -7.50
N CYS C 4 12.84 -14.63 -8.33
CA CYS C 4 13.31 -15.95 -8.75
C CYS C 4 14.51 -15.86 -9.69
N SER C 5 14.69 -14.73 -10.38
CA SER C 5 15.80 -14.54 -11.29
C SER C 5 17.02 -13.93 -10.62
N PHE C 6 16.92 -13.55 -9.35
CA PHE C 6 18.04 -13.01 -8.58
C PHE C 6 18.66 -14.04 -7.66
N TRP C 7 17.82 -14.92 -7.09
CA TRP C 7 18.30 -15.93 -6.10
C TRP C 7 18.32 -17.32 -6.74
N ASN C 8 19.49 -17.75 -7.25
CA ASN C 8 19.61 -19.05 -7.90
C ASN C 8 21.04 -19.53 -7.74
N GLU C 9 21.21 -20.86 -7.84
CA GLU C 9 22.53 -21.46 -7.75
C GLU C 9 23.34 -21.29 -9.03
N SER C 10 22.69 -20.92 -10.14
CA SER C 10 23.40 -20.78 -11.40
C SER C 10 24.49 -19.71 -11.31
N TYR C 11 24.20 -18.61 -10.62
CA TYR C 11 25.17 -17.52 -10.51
C TYR C 11 26.40 -17.91 -9.72
N LEU C 12 26.39 -19.04 -9.03
CA LEU C 12 27.55 -19.52 -8.28
C LEU C 12 28.35 -20.50 -9.14
N THR C 13 29.68 -20.37 -9.09
CA THR C 13 30.56 -21.11 -9.98
C THR C 13 30.93 -22.49 -9.41
N GLY C 14 31.56 -22.50 -8.24
CA GLY C 14 32.06 -23.74 -7.68
C GLY C 14 30.97 -24.61 -7.11
N SER C 15 31.38 -25.81 -6.68
CA SER C 15 30.47 -26.75 -6.06
C SER C 15 30.18 -26.34 -4.61
N ARG C 16 29.13 -26.94 -4.04
CA ARG C 16 28.74 -26.59 -2.68
C ARG C 16 29.88 -26.80 -1.70
N ASP C 17 30.55 -27.95 -1.76
CA ASP C 17 31.66 -28.22 -0.86
C ASP C 17 32.80 -27.23 -1.07
N GLU C 18 33.10 -26.91 -2.34
CA GLU C 18 34.20 -25.99 -2.61
C GLU C 18 33.91 -24.60 -2.06
N ARG C 19 32.70 -24.10 -2.29
CA ARG C 19 32.33 -22.78 -1.75
C ARG C 19 32.36 -22.79 -0.23
N LYS C 20 31.84 -23.85 0.39
CA LYS C 20 31.85 -23.93 1.84
C LYS C 20 33.28 -23.92 2.38
N LYS C 21 34.17 -24.69 1.76
CA LYS C 21 35.55 -24.73 2.22
C LYS C 21 36.24 -23.38 2.04
N SER C 22 36.01 -22.74 0.90
CA SER C 22 36.62 -21.43 0.67
C SER C 22 36.13 -20.41 1.68
N LEU C 23 34.82 -20.39 1.95
CA LEU C 23 34.28 -19.45 2.92
C LEU C 23 34.83 -19.72 4.32
N LEU C 24 34.92 -20.99 4.70
CA LEU C 24 35.45 -21.32 6.02
C LEU C 24 36.91 -20.93 6.15
N SER C 25 37.70 -21.15 5.09
CA SER C 25 39.10 -20.72 5.11
C SER C 25 39.18 -19.20 5.23
N LYS C 26 38.32 -18.48 4.51
CA LYS C 26 38.29 -17.02 4.63
C LYS C 26 37.98 -16.60 6.06
N PHE C 27 37.06 -17.32 6.71
CA PHE C 27 36.73 -17.05 8.11
C PHE C 27 37.69 -17.72 9.08
N GLY C 28 38.66 -18.48 8.59
CA GLY C 28 39.65 -19.09 9.45
C GLY C 28 39.13 -20.15 10.39
N MET C 29 38.26 -21.04 9.91
CA MET C 29 37.77 -22.17 10.68
C MET C 29 37.82 -23.42 9.83
N ASP C 30 37.92 -24.57 10.49
CA ASP C 30 38.06 -25.83 9.79
C ASP C 30 36.74 -26.24 9.14
N GLU C 31 36.83 -27.23 8.26
CA GLU C 31 35.66 -27.73 7.48
C GLU C 31 34.67 -28.40 8.44
N GLY C 32 33.37 -28.15 8.23
CA GLY C 32 32.32 -28.73 9.05
C GLY C 32 30.99 -28.09 8.75
N VAL C 33 29.96 -28.63 9.37
CA VAL C 33 28.61 -28.09 9.21
C VAL C 33 28.56 -26.71 9.87
N THR C 34 28.06 -25.73 9.13
CA THR C 34 28.02 -24.34 9.59
C THR C 34 26.58 -23.86 9.61
N PHE C 35 26.21 -23.17 10.70
CA PHE C 35 24.87 -22.63 10.88
C PHE C 35 24.95 -21.12 10.89
N MET C 36 24.16 -20.46 10.06
CA MET C 36 24.21 -19.02 9.90
C MET C 36 22.92 -18.38 10.38
N PHE C 37 23.05 -17.29 11.11
CA PHE C 37 21.92 -16.47 11.54
C PHE C 37 22.13 -15.05 11.03
N ILE C 38 21.15 -14.54 10.28
CA ILE C 38 21.21 -13.20 9.72
C ILE C 38 19.94 -12.46 10.12
N GLY C 39 20.10 -11.28 10.69
CA GLY C 39 18.96 -10.48 11.10
C GLY C 39 19.37 -9.45 12.14
N ARG C 40 18.39 -8.64 12.52
CA ARG C 40 18.60 -7.61 13.51
C ARG C 40 18.71 -8.22 14.91
N PHE C 41 19.35 -7.47 15.80
CA PHE C 41 19.47 -7.85 17.20
C PHE C 41 18.47 -7.04 18.01
N ASP C 42 17.68 -7.70 18.83
CA ASP C 42 16.71 -7.01 19.68
C ASP C 42 16.15 -7.98 20.70
N ARG C 43 15.17 -7.51 21.46
CA ARG C 43 14.71 -8.24 22.64
C ARG C 43 13.80 -9.39 22.26
N GLY C 44 12.65 -9.09 21.65
CA GLY C 44 11.61 -10.09 21.49
C GLY C 44 10.94 -10.14 20.13
N GLN C 45 11.67 -9.88 19.05
CA GLN C 45 11.13 -9.99 17.71
C GLN C 45 11.89 -10.96 16.83
N LYS C 46 13.23 -10.98 16.91
CA LYS C 46 14.02 -11.89 16.10
C LYS C 46 14.79 -12.93 16.91
N GLY C 47 14.96 -12.72 18.21
CA GLY C 47 15.45 -13.76 19.08
C GLY C 47 16.87 -14.25 18.81
N VAL C 48 17.81 -13.34 18.63
CA VAL C 48 19.21 -13.73 18.58
C VAL C 48 19.65 -14.27 19.94
N ASP C 49 19.11 -13.72 21.02
CA ASP C 49 19.47 -14.20 22.35
C ASP C 49 19.17 -15.68 22.52
N VAL C 50 18.11 -16.16 21.89
CA VAL C 50 17.78 -17.58 21.97
C VAL C 50 18.90 -18.42 21.35
N LEU C 51 19.37 -18.01 20.18
CA LEU C 51 20.46 -18.74 19.53
C LEU C 51 21.74 -18.69 20.37
N LEU C 52 22.04 -17.52 20.94
CA LEU C 52 23.24 -17.40 21.75
C LEU C 52 23.17 -18.29 22.99
N LYS C 53 22.00 -18.33 23.65
CA LYS C 53 21.83 -19.20 24.81
C LYS C 53 21.95 -20.66 24.41
N ALA C 54 21.38 -21.03 23.25
CA ALA C 54 21.51 -22.40 22.78
C ALA C 54 22.96 -22.77 22.53
N ILE C 55 23.73 -21.84 21.94
CA ILE C 55 25.15 -22.09 21.72
C ILE C 55 25.87 -22.27 23.04
N GLU C 56 25.56 -21.43 24.02
CA GLU C 56 26.20 -21.56 25.33
C GLU C 56 25.88 -22.91 25.95
N ILE C 57 24.62 -23.36 25.85
CA ILE C 57 24.24 -24.66 26.39
C ILE C 57 25.01 -25.77 25.68
N LEU C 58 25.09 -25.70 24.34
CA LEU C 58 25.77 -26.73 23.58
C LEU C 58 27.27 -26.74 23.83
N SER C 59 27.85 -25.62 24.27
CA SER C 59 29.29 -25.56 24.46
C SER C 59 29.80 -26.67 25.37
N SER C 60 28.99 -27.09 26.33
CA SER C 60 29.41 -28.14 27.26
C SER C 60 29.37 -29.53 26.65
N LYS C 61 28.85 -29.69 25.45
CA LYS C 61 28.78 -30.99 24.80
C LYS C 61 30.05 -31.26 24.00
N LYS C 62 30.34 -32.55 23.79
CA LYS C 62 31.54 -32.92 23.06
C LYS C 62 31.41 -32.62 21.58
N GLU C 63 30.20 -32.80 21.01
CA GLU C 63 29.99 -32.58 19.59
C GLU C 63 30.02 -31.11 19.20
N PHE C 64 30.06 -30.19 20.16
CA PHE C 64 30.10 -28.77 19.83
C PHE C 64 31.28 -28.42 18.95
N GLN C 65 32.36 -29.22 19.01
CA GLN C 65 33.54 -28.94 18.21
C GLN C 65 33.27 -29.14 16.71
N GLU C 66 32.22 -29.86 16.35
CA GLU C 66 31.89 -30.11 14.95
C GLU C 66 30.92 -29.08 14.37
N MET C 67 30.55 -28.06 15.14
CA MET C 67 29.61 -27.04 14.69
C MET C 67 30.33 -25.72 14.46
N ARG C 68 29.93 -25.02 13.40
CA ARG C 68 30.41 -23.68 13.10
C ARG C 68 29.22 -22.74 13.06
N PHE C 69 29.39 -21.55 13.62
CA PHE C 69 28.30 -20.57 13.69
C PHE C 69 28.76 -19.24 13.12
N ILE C 70 27.95 -18.68 12.23
CA ILE C 70 28.15 -17.34 11.67
C ILE C 70 26.94 -16.51 12.06
N ILE C 71 27.18 -15.42 12.79
CA ILE C 71 26.11 -14.55 13.28
C ILE C 71 26.30 -13.19 12.63
N ILE C 72 25.28 -12.74 11.90
CA ILE C 72 25.30 -11.46 11.21
C ILE C 72 24.12 -10.64 11.72
N GLY C 73 24.40 -9.42 12.17
CA GLY C 73 23.33 -8.56 12.64
C GLY C 73 23.87 -7.30 13.30
N LYS C 74 22.93 -6.52 13.83
CA LYS C 74 23.24 -5.27 14.51
C LYS C 74 22.10 -4.98 15.47
N GLY C 75 22.36 -4.06 16.40
CA GLY C 75 21.33 -3.64 17.33
C GLY C 75 21.86 -3.23 18.69
N ASP C 76 21.32 -3.84 19.73
CA ASP C 76 21.71 -3.48 21.09
C ASP C 76 23.20 -3.75 21.28
N PRO C 77 24.00 -2.75 21.69
CA PRO C 77 25.43 -3.01 21.86
C PRO C 77 25.75 -4.09 22.88
N GLU C 78 24.87 -4.32 23.86
CA GLU C 78 25.09 -5.38 24.82
C GLU C 78 25.12 -6.74 24.13
N LEU C 79 24.16 -6.99 23.24
CA LEU C 79 24.14 -8.25 22.51
C LEU C 79 25.34 -8.37 21.57
N GLU C 80 25.76 -7.26 20.96
CA GLU C 80 26.95 -7.28 20.13
C GLU C 80 28.18 -7.67 20.94
N GLY C 81 28.31 -7.10 22.15
CA GLY C 81 29.43 -7.47 23.01
C GLY C 81 29.36 -8.92 23.45
N TRP C 82 28.14 -9.40 23.73
CA TRP C 82 27.98 -10.81 24.09
C TRP C 82 28.41 -11.72 22.96
N ALA C 83 28.01 -11.40 21.73
CA ALA C 83 28.41 -12.21 20.59
C ALA C 83 29.92 -12.15 20.37
N ARG C 84 30.52 -10.96 20.55
CA ARG C 84 31.96 -10.85 20.40
C ARG C 84 32.69 -11.67 21.46
N SER C 85 32.20 -11.65 22.70
CA SER C 85 32.80 -12.45 23.75
C SER C 85 32.70 -13.94 23.43
N LEU C 86 31.54 -14.37 22.93
CA LEU C 86 31.39 -15.76 22.53
C LEU C 86 32.36 -16.12 21.41
N GLU C 87 32.52 -15.22 20.45
CA GLU C 87 33.48 -15.46 19.37
C GLU C 87 34.89 -15.60 19.92
N GLU C 88 35.27 -14.74 20.86
CA GLU C 88 36.62 -14.83 21.43
C GLU C 88 36.80 -16.12 22.21
N LYS C 89 35.79 -16.53 22.99
CA LYS C 89 35.93 -17.70 23.83
C LYS C 89 36.13 -18.97 23.01
N HIS C 90 35.36 -19.12 21.92
CA HIS C 90 35.40 -20.32 21.09
C HIS C 90 35.89 -19.97 19.70
N GLY C 91 36.76 -20.84 19.16
CA GLY C 91 37.30 -20.62 17.83
C GLY C 91 36.40 -21.03 16.68
N ASN C 92 35.27 -21.68 16.99
CA ASN C 92 34.32 -22.12 15.98
C ASN C 92 33.08 -21.23 15.94
N VAL C 93 33.24 -19.95 16.27
CA VAL C 93 32.17 -18.98 16.24
C VAL C 93 32.70 -17.71 15.60
N LYS C 94 31.90 -17.08 14.73
CA LYS C 94 32.26 -15.84 14.08
C LYS C 94 31.08 -14.88 14.12
N VAL C 95 31.38 -13.59 14.20
CA VAL C 95 30.35 -12.54 14.25
C VAL C 95 30.71 -11.49 13.21
N ILE C 96 29.72 -11.08 12.43
CA ILE C 96 29.89 -10.07 11.40
C ILE C 96 28.82 -9.00 11.62
N THR C 97 29.21 -7.87 12.20
CA THR C 97 28.28 -6.78 12.46
C THR C 97 28.13 -5.83 11.28
N GLU C 98 28.94 -6.00 10.23
CA GLU C 98 28.90 -5.11 9.08
C GLU C 98 27.71 -5.46 8.19
N MET C 99 27.27 -4.47 7.41
CA MET C 99 26.23 -4.68 6.43
C MET C 99 26.82 -5.32 5.17
N LEU C 100 26.14 -6.34 4.66
CA LEU C 100 26.64 -7.12 3.53
C LEU C 100 25.79 -6.90 2.30
N SER C 101 26.43 -6.98 1.13
CA SER C 101 25.73 -6.82 -0.13
C SER C 101 24.95 -8.09 -0.48
N ARG C 102 23.94 -7.91 -1.34
CA ARG C 102 23.06 -9.03 -1.68
C ARG C 102 23.84 -10.18 -2.30
N GLU C 103 24.91 -9.89 -3.05
CA GLU C 103 25.72 -10.96 -3.62
C GLU C 103 26.37 -11.79 -2.52
N PHE C 104 26.90 -11.14 -1.49
CA PHE C 104 27.50 -11.88 -0.38
C PHE C 104 26.43 -12.70 0.36
N VAL C 105 25.23 -12.14 0.50
CA VAL C 105 24.16 -12.88 1.18
C VAL C 105 23.79 -14.12 0.38
N ARG C 106 23.67 -14.01 -0.94
CA ARG C 106 23.34 -15.17 -1.74
C ARG C 106 24.46 -16.21 -1.69
N GLU C 107 25.71 -15.75 -1.72
CA GLU C 107 26.82 -16.68 -1.60
C GLU C 107 26.76 -17.44 -0.27
N LEU C 108 26.49 -16.72 0.81
CA LEU C 108 26.35 -17.38 2.11
C LEU C 108 25.23 -18.40 2.08
N TYR C 109 24.05 -18.00 1.59
CA TYR C 109 22.93 -18.95 1.52
C TYR C 109 23.34 -20.19 0.75
N GLY C 110 24.08 -20.03 -0.34
CA GLY C 110 24.54 -21.17 -1.11
C GLY C 110 25.70 -21.93 -0.51
N SER C 111 26.32 -21.40 0.54
CA SER C 111 27.46 -22.05 1.18
C SER C 111 27.10 -22.77 2.48
N VAL C 112 26.35 -22.12 3.37
CA VAL C 112 26.09 -22.69 4.69
C VAL C 112 25.05 -23.80 4.59
N ASP C 113 25.18 -24.81 5.45
CA ASP C 113 24.27 -25.96 5.42
C ASP C 113 22.88 -25.57 5.90
N PHE C 114 22.79 -24.91 7.06
CA PHE C 114 21.52 -24.65 7.72
C PHE C 114 21.38 -23.17 8.03
N VAL C 115 20.16 -22.65 7.92
CA VAL C 115 19.83 -21.27 8.24
C VAL C 115 18.84 -21.31 9.40
N ILE C 116 19.17 -20.62 10.49
CA ILE C 116 18.36 -20.63 11.70
C ILE C 116 17.53 -19.36 11.74
N ILE C 117 16.22 -19.53 11.91
CA ILE C 117 15.27 -18.41 11.95
C ILE C 117 14.42 -18.54 13.20
N PRO C 118 14.97 -18.32 14.40
CA PRO C 118 14.21 -18.52 15.64
C PRO C 118 13.41 -17.29 16.07
N SER C 119 12.71 -16.69 15.11
CA SER C 119 12.00 -15.44 15.39
C SER C 119 10.75 -15.71 16.21
N TYR C 120 10.37 -14.70 17.00
CA TYR C 120 9.15 -14.80 17.80
C TYR C 120 7.90 -14.59 16.94
N PHE C 121 8.00 -13.77 15.90
CA PHE C 121 6.86 -13.50 15.03
C PHE C 121 7.39 -13.16 13.64
N GLU C 122 6.98 -13.96 12.64
CA GLU C 122 7.39 -13.76 11.25
C GLU C 122 6.15 -13.86 10.37
N PRO C 123 5.45 -12.75 10.13
CA PRO C 123 4.19 -12.84 9.38
C PRO C 123 4.34 -13.43 7.98
N PHE C 124 5.43 -13.12 7.27
CA PHE C 124 5.62 -13.59 5.90
C PHE C 124 6.79 -14.55 5.78
N GLY C 125 7.99 -14.13 6.18
CA GLY C 125 9.15 -15.01 6.13
C GLY C 125 9.90 -14.98 4.82
N LEU C 126 10.38 -13.81 4.41
CA LEU C 126 11.21 -13.72 3.21
C LEU C 126 12.51 -14.48 3.38
N VAL C 127 13.11 -14.41 4.56
CA VAL C 127 14.42 -15.04 4.78
C VAL C 127 14.35 -16.53 4.50
N ALA C 128 13.27 -17.18 4.95
CA ALA C 128 13.14 -18.61 4.73
C ALA C 128 13.11 -18.95 3.24
N LEU C 129 12.31 -18.23 2.47
CA LEU C 129 12.22 -18.49 1.04
C LEU C 129 13.54 -18.21 0.34
N GLU C 130 14.20 -17.10 0.68
CA GLU C 130 15.46 -16.77 0.04
C GLU C 130 16.52 -17.81 0.35
N ALA C 131 16.57 -18.31 1.59
CA ALA C 131 17.52 -19.36 1.94
C ALA C 131 17.19 -20.66 1.23
N MET C 132 15.89 -20.99 1.13
CA MET C 132 15.50 -22.24 0.50
C MET C 132 15.81 -22.23 -0.99
N CYS C 133 15.64 -21.09 -1.66
CA CYS C 133 15.85 -21.04 -3.10
C CYS C 133 17.25 -21.50 -3.47
N LEU C 134 18.24 -21.24 -2.62
CA LEU C 134 19.62 -21.65 -2.88
C LEU C 134 19.95 -23.00 -2.25
N GLY C 135 19.00 -23.65 -1.59
CA GLY C 135 19.22 -24.97 -1.07
C GLY C 135 19.81 -24.99 0.33
N ALA C 136 19.23 -24.20 1.24
CA ALA C 136 19.64 -24.18 2.63
C ALA C 136 18.49 -24.70 3.49
N ILE C 137 18.77 -25.72 4.30
CA ILE C 137 17.75 -26.32 5.15
C ILE C 137 17.48 -25.38 6.32
N PRO C 138 16.25 -24.91 6.52
CA PRO C 138 15.98 -24.00 7.63
C PRO C 138 15.63 -24.73 8.92
N ILE C 139 15.84 -24.02 10.02
CA ILE C 139 15.44 -24.46 11.35
C ILE C 139 14.74 -23.26 11.98
N ALA C 140 13.41 -23.22 11.87
CA ALA C 140 12.65 -22.02 12.18
C ALA C 140 11.64 -22.28 13.28
N SER C 141 11.27 -21.21 13.99
CA SER C 141 10.22 -21.29 14.98
C SER C 141 8.89 -21.60 14.31
N ALA C 142 8.02 -22.30 15.03
CA ALA C 142 6.71 -22.70 14.51
C ALA C 142 5.68 -21.61 14.73
N VAL C 143 5.98 -20.40 14.28
CA VAL C 143 5.07 -19.28 14.37
C VAL C 143 4.39 -19.08 13.02
N GLY C 144 3.34 -18.25 13.01
CA GLY C 144 2.62 -18.03 11.77
C GLY C 144 3.55 -17.47 10.70
N GLY C 145 3.31 -17.89 9.46
CA GLY C 145 4.15 -17.49 8.34
C GLY C 145 5.26 -18.48 8.03
N LEU C 146 6.07 -18.81 9.04
CA LEU C 146 7.10 -19.82 8.86
C LEU C 146 6.52 -21.23 8.85
N ARG C 147 5.41 -21.46 9.55
CA ARG C 147 4.79 -22.78 9.56
C ARG C 147 4.18 -23.11 8.21
N ASP C 148 3.64 -22.11 7.52
CA ASP C 148 3.07 -22.36 6.19
C ASP C 148 4.14 -22.78 5.20
N ILE C 149 5.30 -22.13 5.25
CA ILE C 149 6.34 -22.40 4.25
C ILE C 149 7.02 -23.74 4.51
N ILE C 150 7.52 -23.94 5.73
CA ILE C 150 8.32 -25.10 6.06
C ILE C 150 7.39 -26.23 6.47
N THR C 151 7.35 -27.29 5.66
CA THR C 151 6.60 -28.49 5.99
C THR C 151 7.51 -29.47 6.73
N ASN C 152 6.96 -30.64 7.06
CA ASN C 152 7.74 -31.63 7.79
C ASN C 152 8.86 -32.21 6.94
N GLU C 153 8.78 -32.10 5.62
CA GLU C 153 9.76 -32.70 4.71
C GLU C 153 10.74 -31.68 4.14
N THR C 154 10.68 -30.42 4.56
CA THR C 154 11.55 -29.37 4.01
C THR C 154 12.34 -28.64 5.08
N GLY C 155 12.44 -29.19 6.28
CA GLY C 155 13.19 -28.52 7.34
C GLY C 155 12.78 -29.04 8.70
N ILE C 156 12.97 -28.18 9.71
CA ILE C 156 12.65 -28.50 11.09
C ILE C 156 11.76 -27.39 11.64
N LEU C 157 11.02 -27.72 12.69
CA LEU C 157 10.17 -26.76 13.39
C LEU C 157 10.42 -26.86 14.88
N VAL C 158 10.53 -25.71 15.54
CA VAL C 158 10.86 -25.64 16.96
C VAL C 158 9.92 -24.65 17.63
N LYS C 159 9.65 -24.86 18.91
CA LYS C 159 8.81 -23.93 19.67
C LYS C 159 9.53 -22.61 19.87
N ALA C 160 8.78 -21.52 19.78
CA ALA C 160 9.36 -20.19 19.91
C ALA C 160 9.85 -19.95 21.33
N GLY C 161 11.02 -19.34 21.45
CA GLY C 161 11.55 -18.97 22.76
C GLY C 161 11.76 -20.14 23.71
N ASP C 162 12.29 -21.25 23.19
CA ASP C 162 12.57 -22.44 24.01
C ASP C 162 13.99 -22.88 23.68
N PRO C 163 14.99 -22.30 24.36
CA PRO C 163 16.38 -22.62 24.03
C PRO C 163 16.70 -24.11 24.07
N GLY C 164 16.12 -24.85 25.02
CA GLY C 164 16.39 -26.27 25.08
C GLY C 164 15.95 -27.00 23.83
N GLU C 165 14.76 -26.67 23.32
CA GLU C 165 14.29 -27.31 22.10
C GLU C 165 15.13 -26.92 20.91
N LEU C 166 15.58 -25.66 20.86
CA LEU C 166 16.45 -25.25 19.76
C LEU C 166 17.76 -26.02 19.78
N ALA C 167 18.35 -26.19 20.97
CA ALA C 167 19.57 -26.97 21.07
C ALA C 167 19.34 -28.42 20.66
N ASN C 168 18.20 -29.00 21.08
CA ASN C 168 17.89 -30.37 20.69
C ASN C 168 17.74 -30.48 19.17
N ALA C 169 17.08 -29.51 18.55
CA ALA C 169 16.92 -29.53 17.09
C ALA C 169 18.28 -29.41 16.39
N ILE C 170 19.15 -28.55 16.90
CA ILE C 170 20.49 -28.43 16.33
C ILE C 170 21.24 -29.76 16.43
N LEU C 171 21.16 -30.40 17.61
CA LEU C 171 21.84 -31.68 17.78
C LEU C 171 21.28 -32.73 16.82
N LYS C 172 19.95 -32.76 16.67
CA LYS C 172 19.35 -33.72 15.75
C LYS C 172 19.78 -33.47 14.32
N ALA C 173 19.79 -32.21 13.90
CA ALA C 173 20.22 -31.89 12.53
C ALA C 173 21.70 -32.18 12.31
N LEU C 174 22.50 -32.16 13.38
CA LEU C 174 23.92 -32.47 13.23
C LEU C 174 24.17 -33.88 12.71
N GLU C 175 23.20 -34.78 12.84
CA GLU C 175 23.40 -36.19 12.48
C GLU C 175 22.73 -36.57 11.16
N LEU C 176 22.25 -35.61 10.38
CA LEU C 176 21.67 -35.94 9.09
C LEU C 176 22.75 -36.29 8.07
N SER C 177 22.43 -37.26 7.21
CA SER C 177 23.38 -37.79 6.24
C SER C 177 23.40 -36.93 4.97
N ARG C 178 24.46 -37.10 4.18
CA ARG C 178 24.67 -36.28 3.00
C ARG C 178 23.54 -36.48 1.98
N SER C 179 23.15 -37.72 1.74
CA SER C 179 22.06 -37.97 0.79
C SER C 179 20.76 -37.35 1.27
N ASP C 180 20.47 -37.48 2.57
CA ASP C 180 19.30 -36.81 3.13
C ASP C 180 19.40 -35.30 2.97
N LEU C 181 20.60 -34.75 3.15
CA LEU C 181 20.79 -33.32 2.96
C LEU C 181 20.49 -32.91 1.53
N SER C 182 20.96 -33.69 0.55
CA SER C 182 20.70 -33.36 -0.85
C SER C 182 19.21 -33.43 -1.17
N LYS C 183 18.54 -34.47 -0.67
CA LYS C 183 17.10 -34.59 -0.89
C LYS C 183 16.36 -33.40 -0.26
N PHE C 184 16.77 -33.02 0.95
CA PHE C 184 16.14 -31.88 1.61
C PHE C 184 16.37 -30.60 0.83
N ARG C 185 17.57 -30.41 0.29
CA ARG C 185 17.85 -29.22 -0.50
C ARG C 185 16.98 -29.17 -1.75
N GLU C 186 16.83 -30.31 -2.43
CA GLU C 186 15.97 -30.34 -3.61
C GLU C 186 14.53 -30.03 -3.24
N ASN C 187 14.04 -30.62 -2.15
CA ASN C 187 12.67 -30.34 -1.72
C ASN C 187 12.49 -28.87 -1.35
N CYS C 188 13.48 -28.29 -0.67
CA CYS C 188 13.41 -26.88 -0.30
C CYS C 188 13.38 -25.99 -1.53
N LYS C 189 14.21 -26.30 -2.53
CA LYS C 189 14.18 -25.51 -3.76
C LYS C 189 12.82 -25.60 -4.43
N LYS C 190 12.26 -26.81 -4.51
CA LYS C 190 10.95 -26.97 -5.14
C LYS C 190 9.88 -26.18 -4.38
N ARG C 191 9.88 -26.27 -3.06
CA ARG C 191 8.88 -25.57 -2.27
C ARG C 191 9.03 -24.05 -2.42
N ALA C 192 10.26 -23.55 -2.39
CA ALA C 192 10.47 -22.11 -2.50
C ALA C 192 10.05 -21.60 -3.87
N MET C 193 10.37 -22.34 -4.94
CA MET C 193 10.00 -21.89 -6.27
C MET C 193 8.50 -22.04 -6.53
N SER C 194 7.84 -22.97 -5.84
CA SER C 194 6.42 -23.20 -6.06
C SER C 194 5.60 -21.97 -5.68
N PHE C 195 5.92 -21.34 -4.55
CA PHE C 195 5.18 -20.18 -4.08
C PHE C 195 5.06 -19.10 -5.15
N GLY D 1 5.87 8.65 8.11
CA GLY D 1 7.09 9.14 7.51
C GLY D 1 8.08 9.67 8.54
N ILE D 2 8.06 10.98 8.74
CA ILE D 2 8.96 11.61 9.70
C ILE D 2 8.35 11.51 11.09
N ASP D 3 9.12 10.98 12.04
CA ASP D 3 8.61 10.83 13.40
C ASP D 3 8.29 12.18 14.03
N CYS D 4 9.17 13.16 13.85
CA CYS D 4 9.02 14.50 14.42
C CYS D 4 9.29 14.49 15.93
N SER D 5 9.49 13.30 16.49
CA SER D 5 9.92 13.15 17.88
C SER D 5 11.19 12.34 18.02
N PHE D 6 11.40 11.34 17.16
CA PHE D 6 12.69 10.65 17.13
C PHE D 6 13.79 11.62 16.72
N TRP D 7 13.50 12.51 15.77
CA TRP D 7 14.45 13.50 15.29
C TRP D 7 14.18 14.83 15.99
N ASN D 8 15.13 15.28 16.80
CA ASN D 8 15.02 16.56 17.49
C ASN D 8 16.36 16.85 18.15
N GLU D 9 16.69 18.14 18.23
CA GLU D 9 17.95 18.55 18.84
C GLU D 9 17.95 18.40 20.35
N SER D 10 16.77 18.27 20.96
CA SER D 10 16.70 18.16 22.41
C SER D 10 17.37 16.88 22.90
N TYR D 11 17.32 15.80 22.13
CA TYR D 11 17.93 14.54 22.53
C TYR D 11 19.45 14.63 22.63
N LEU D 12 20.06 15.67 22.09
CA LEU D 12 21.50 15.85 22.13
C LEU D 12 21.84 16.92 23.16
N THR D 13 22.65 16.55 24.16
CA THR D 13 22.99 17.49 25.22
C THR D 13 24.01 18.52 24.75
N GLY D 14 25.02 18.10 24.00
CA GLY D 14 26.08 19.00 23.61
C GLY D 14 25.60 20.06 22.64
N SER D 15 26.30 21.19 22.63
CA SER D 15 25.98 22.29 21.73
C SER D 15 26.53 21.99 20.34
N ARG D 16 26.15 22.85 19.38
CA ARG D 16 26.56 22.65 18.00
C ARG D 16 28.08 22.67 17.87
N ASP D 17 28.72 23.71 18.44
CA ASP D 17 30.17 23.82 18.32
C ASP D 17 30.87 22.64 19.01
N GLU D 18 30.44 22.30 20.22
CA GLU D 18 31.10 21.22 20.94
C GLU D 18 30.91 19.89 20.24
N ARG D 19 29.69 19.60 19.78
CA ARG D 19 29.43 18.34 19.08
C ARG D 19 30.23 18.26 17.79
N LYS D 20 30.27 19.35 17.04
CA LYS D 20 31.04 19.36 15.79
C LYS D 20 32.52 19.15 16.06
N LYS D 21 33.06 19.82 17.08
CA LYS D 21 34.47 19.66 17.39
C LYS D 21 34.79 18.23 17.82
N SER D 22 33.94 17.64 18.65
CA SER D 22 34.16 16.26 19.07
C SER D 22 34.09 15.31 17.89
N LEU D 23 33.11 15.49 17.00
CA LEU D 23 32.99 14.62 15.83
C LEU D 23 34.21 14.76 14.93
N LEU D 24 34.70 15.99 14.73
CA LEU D 24 35.86 16.18 13.88
C LEU D 24 37.10 15.58 14.50
N SER D 25 37.25 15.71 15.83
CA SER D 25 38.39 15.08 16.50
C SER D 25 38.33 13.57 16.38
N LYS D 26 37.13 12.99 16.47
CA LYS D 26 36.99 11.56 16.30
C LYS D 26 37.46 11.12 14.91
N PHE D 27 37.16 11.92 13.90
CA PHE D 27 37.61 11.65 12.54
C PHE D 27 39.01 12.18 12.26
N GLY D 28 39.64 12.83 13.23
CA GLY D 28 41.00 13.32 13.05
C GLY D 28 41.15 14.43 12.03
N MET D 29 40.24 15.39 12.03
CA MET D 29 40.33 16.56 11.17
C MET D 29 40.10 17.82 12.00
N ASP D 30 40.72 18.91 11.57
CA ASP D 30 40.62 20.16 12.31
C ASP D 30 39.23 20.78 12.14
N GLU D 31 38.97 21.80 12.95
CA GLU D 31 37.67 22.46 12.93
C GLU D 31 37.44 23.18 11.60
N GLY D 32 36.18 23.26 11.20
CA GLY D 32 35.81 23.95 9.99
C GLY D 32 34.45 23.52 9.52
N VAL D 33 33.97 24.20 8.48
CA VAL D 33 32.68 23.88 7.88
C VAL D 33 32.80 22.52 7.20
N THR D 34 31.84 21.64 7.49
CA THR D 34 31.86 20.27 7.01
C THR D 34 30.59 19.97 6.24
N PHE D 35 30.72 19.26 5.13
CA PHE D 35 29.60 18.86 4.29
C PHE D 35 29.49 17.34 4.32
N MET D 36 28.29 16.82 4.55
CA MET D 36 28.07 15.39 4.71
C MET D 36 27.13 14.88 3.62
N PHE D 37 27.49 13.75 3.02
CA PHE D 37 26.65 13.06 2.05
C PHE D 37 26.37 11.66 2.56
N ILE D 38 25.09 11.30 2.62
CA ILE D 38 24.65 9.99 3.09
C ILE D 38 23.73 9.38 2.05
N GLY D 39 23.98 8.14 1.68
CA GLY D 39 23.17 7.45 0.70
C GLY D 39 23.98 6.42 -0.03
N ARG D 40 23.26 5.56 -0.75
CA ARG D 40 23.90 4.49 -1.50
C ARG D 40 24.63 5.04 -2.72
N PHE D 41 25.63 4.30 -3.17
CA PHE D 41 26.39 4.64 -4.36
C PHE D 41 25.80 3.91 -5.56
N ASP D 42 25.56 4.65 -6.65
CA ASP D 42 25.01 4.04 -7.85
C ASP D 42 25.22 5.00 -9.02
N ARG D 43 24.92 4.49 -10.21
CA ARG D 43 25.24 5.22 -11.44
C ARG D 43 24.47 6.54 -11.51
N GLY D 44 23.15 6.47 -11.60
CA GLY D 44 22.36 7.65 -11.91
C GLY D 44 21.09 7.83 -11.12
N GLN D 45 21.05 7.40 -9.86
CA GLN D 45 19.90 7.62 -9.01
C GLN D 45 20.22 8.47 -7.78
N LYS D 46 21.27 8.15 -7.04
CA LYS D 46 21.65 8.95 -5.88
C LYS D 46 22.68 10.02 -6.22
N GLY D 47 23.60 9.75 -7.13
CA GLY D 47 24.53 10.78 -7.57
C GLY D 47 25.65 11.08 -6.62
N VAL D 48 26.48 10.09 -6.30
CA VAL D 48 27.71 10.37 -5.56
C VAL D 48 28.83 10.77 -6.51
N ASP D 49 28.74 10.35 -7.78
CA ASP D 49 29.77 10.69 -8.75
C ASP D 49 29.85 12.20 -8.96
N VAL D 50 28.71 12.88 -9.01
CA VAL D 50 28.71 14.32 -9.19
C VAL D 50 29.41 15.00 -8.02
N LEU D 51 29.11 14.55 -6.79
CA LEU D 51 29.76 15.14 -5.61
C LEU D 51 31.26 14.90 -5.64
N LEU D 52 31.69 13.69 -6.00
CA LEU D 52 33.12 13.41 -6.04
C LEU D 52 33.82 14.24 -7.11
N LYS D 53 33.19 14.40 -8.28
CA LYS D 53 33.77 15.23 -9.33
C LYS D 53 33.86 16.68 -8.87
N ALA D 54 32.83 17.18 -8.19
CA ALA D 54 32.87 18.54 -7.68
C ALA D 54 33.99 18.71 -6.66
N ILE D 55 34.19 17.72 -5.80
CA ILE D 55 35.28 17.78 -4.84
C ILE D 55 36.62 17.81 -5.55
N GLU D 56 36.78 16.98 -6.58
CA GLU D 56 38.03 16.99 -7.34
C GLU D 56 38.27 18.35 -7.99
N ILE D 57 37.22 18.95 -8.56
CA ILE D 57 37.36 20.26 -9.18
C ILE D 57 37.77 21.30 -8.15
N LEU D 58 37.12 21.27 -6.98
CA LEU D 58 37.44 22.24 -5.94
C LEU D 58 38.84 22.04 -5.38
N SER D 59 39.37 20.81 -5.46
CA SER D 59 40.67 20.54 -4.87
C SER D 59 41.73 21.49 -5.37
N SER D 60 41.66 21.92 -6.63
CA SER D 60 42.65 22.83 -7.19
C SER D 60 42.53 24.24 -6.63
N LYS D 61 41.47 24.54 -5.88
CA LYS D 61 41.28 25.87 -5.31
C LYS D 61 41.96 25.96 -3.94
N LYS D 62 42.34 27.18 -3.57
CA LYS D 62 43.01 27.38 -2.29
C LYS D 62 42.07 27.15 -1.12
N GLU D 63 40.80 27.56 -1.26
CA GLU D 63 39.84 27.44 -0.17
C GLU D 63 39.44 26.01 0.13
N PHE D 64 39.83 25.05 -0.72
CA PHE D 64 39.46 23.66 -0.47
C PHE D 64 40.00 23.17 0.87
N GLN D 65 41.06 23.80 1.38
CA GLN D 65 41.60 23.40 2.67
C GLN D 65 40.68 23.78 3.83
N GLU D 66 39.71 24.68 3.59
CA GLU D 66 38.77 25.10 4.61
C GLU D 66 37.52 24.23 4.66
N MET D 67 37.35 23.30 3.72
CA MET D 67 36.16 22.48 3.63
C MET D 67 36.47 21.05 4.07
N ARG D 68 35.58 20.48 4.88
CA ARG D 68 35.65 19.10 5.31
C ARG D 68 34.49 18.32 4.70
N PHE D 69 34.74 17.08 4.30
CA PHE D 69 33.74 16.26 3.65
C PHE D 69 33.66 14.90 4.33
N ILE D 70 32.43 14.48 4.64
CA ILE D 70 32.14 13.16 5.17
C ILE D 70 31.20 12.47 4.19
N ILE D 71 31.64 11.33 3.65
CA ILE D 71 30.87 10.58 2.66
C ILE D 71 30.52 9.23 3.26
N ILE D 72 29.23 8.92 3.32
CA ILE D 72 28.72 7.67 3.87
C ILE D 72 27.89 6.99 2.80
N GLY D 73 28.19 5.73 2.51
CA GLY D 73 27.43 4.99 1.53
C GLY D 73 28.12 3.70 1.15
N LYS D 74 27.49 3.01 0.21
CA LYS D 74 27.98 1.73 -0.28
C LYS D 74 27.39 1.50 -1.67
N GLY D 75 27.97 0.54 -2.39
CA GLY D 75 27.47 0.21 -3.71
C GLY D 75 28.54 -0.31 -4.65
N ASP D 76 28.66 0.31 -5.81
CA ASP D 76 29.64 -0.13 -6.79
C ASP D 76 31.04 -0.08 -6.20
N PRO D 77 31.79 -1.18 -6.21
CA PRO D 77 33.14 -1.14 -5.61
C PRO D 77 34.06 -0.13 -6.26
N GLU D 78 33.85 0.20 -7.54
CA GLU D 78 34.67 1.20 -8.19
C GLU D 78 34.52 2.56 -7.52
N LEU D 79 33.28 2.96 -7.21
CA LEU D 79 33.06 4.23 -6.54
C LEU D 79 33.62 4.21 -5.12
N GLU D 80 33.50 3.07 -4.44
CA GLU D 80 34.10 2.94 -3.11
C GLU D 80 35.61 3.14 -3.17
N GLY D 81 36.26 2.52 -4.15
CA GLY D 81 37.70 2.70 -4.30
C GLY D 81 38.05 4.14 -4.66
N TRP D 82 37.24 4.78 -5.49
CA TRP D 82 37.47 6.18 -5.82
C TRP D 82 37.38 7.07 -4.58
N ALA D 83 36.37 6.83 -3.74
CA ALA D 83 36.23 7.60 -2.51
C ALA D 83 37.40 7.33 -1.57
N ARG D 84 37.84 6.08 -1.46
CA ARG D 84 38.99 5.77 -0.62
C ARG D 84 40.25 6.46 -1.13
N SER D 85 40.43 6.48 -2.45
CA SER D 85 41.59 7.17 -3.03
C SER D 85 41.53 8.65 -2.72
N LEU D 86 40.35 9.28 -2.84
CA LEU D 86 40.23 10.68 -2.50
C LEU D 86 40.53 10.91 -1.03
N GLU D 87 40.06 10.02 -0.16
CA GLU D 87 40.35 10.14 1.27
C GLU D 87 41.84 10.08 1.53
N GLU D 88 42.54 9.14 0.88
CA GLU D 88 43.97 9.02 1.08
C GLU D 88 44.72 10.24 0.56
N LYS D 89 44.31 10.77 -0.60
CA LYS D 89 45.02 11.89 -1.20
C LYS D 89 44.94 13.14 -0.33
N HIS D 90 43.76 13.43 0.22
CA HIS D 90 43.53 14.64 0.99
C HIS D 90 43.17 14.27 2.43
N GLY D 91 43.71 15.02 3.38
CA GLY D 91 43.43 14.79 4.79
C GLY D 91 42.13 15.37 5.28
N ASN D 92 41.45 16.18 4.47
CA ASN D 92 40.18 16.79 4.84
C ASN D 92 38.98 16.06 4.25
N VAL D 93 39.15 14.79 3.90
CA VAL D 93 38.09 13.95 3.35
C VAL D 93 38.05 12.65 4.13
N LYS D 94 36.85 12.21 4.49
CA LYS D 94 36.66 10.96 5.22
C LYS D 94 35.54 10.17 4.56
N VAL D 95 35.65 8.84 4.59
CA VAL D 95 34.67 7.94 3.99
C VAL D 95 34.30 6.90 5.03
N ILE D 96 33.00 6.64 5.18
CA ILE D 96 32.48 5.66 6.11
C ILE D 96 31.54 4.75 5.30
N THR D 97 32.06 3.60 4.88
CA THR D 97 31.29 2.67 4.06
C THR D 97 30.41 1.74 4.89
N GLU D 98 30.59 1.69 6.20
CA GLU D 98 29.82 0.77 7.04
C GLU D 98 28.44 1.37 7.35
N MET D 99 27.54 0.49 7.79
CA MET D 99 26.20 0.90 8.18
C MET D 99 26.25 1.60 9.54
N LEU D 100 25.33 2.54 9.74
CA LEU D 100 25.28 3.35 10.95
C LEU D 100 23.89 3.28 11.57
N SER D 101 23.85 3.29 12.90
CA SER D 101 22.59 3.25 13.62
C SER D 101 21.91 4.62 13.56
N ARG D 102 20.59 4.61 13.74
CA ARG D 102 19.82 5.85 13.64
C ARG D 102 20.30 6.90 14.63
N GLU D 103 20.79 6.48 15.80
CA GLU D 103 21.33 7.44 16.75
C GLU D 103 22.55 8.15 16.18
N PHE D 104 23.43 7.41 15.49
CA PHE D 104 24.61 8.04 14.90
C PHE D 104 24.20 9.03 13.81
N VAL D 105 23.21 8.67 13.00
CA VAL D 105 22.74 9.59 11.97
C VAL D 105 22.15 10.85 12.60
N ARG D 106 21.36 10.68 13.67
CA ARG D 106 20.81 11.85 14.34
C ARG D 106 21.91 12.75 14.88
N GLU D 107 22.93 12.14 15.48
CA GLU D 107 24.05 12.93 15.99
C GLU D 107 24.76 13.66 14.86
N LEU D 108 24.95 12.99 13.73
CA LEU D 108 25.62 13.63 12.59
C LEU D 108 24.82 14.84 12.10
N TYR D 109 23.51 14.68 11.91
CA TYR D 109 22.71 15.76 11.37
C TYR D 109 22.85 17.03 12.22
N GLY D 110 22.95 16.86 13.53
CA GLY D 110 23.08 17.98 14.44
C GLY D 110 24.47 18.56 14.56
N SER D 111 25.44 18.01 13.83
CA SER D 111 26.83 18.46 13.90
C SER D 111 27.33 19.07 12.60
N VAL D 112 26.98 18.48 11.45
CA VAL D 112 27.51 18.96 10.18
C VAL D 112 26.73 20.19 9.74
N ASP D 113 27.44 21.16 9.17
CA ASP D 113 26.80 22.41 8.76
C ASP D 113 25.81 22.19 7.61
N PHE D 114 26.23 21.51 6.55
CA PHE D 114 25.45 21.38 5.33
C PHE D 114 25.32 19.92 4.94
N VAL D 115 24.14 19.56 4.43
CA VAL D 115 23.85 18.22 3.95
C VAL D 115 23.60 18.32 2.45
N ILE D 116 24.35 17.56 1.67
CA ILE D 116 24.29 17.61 0.22
C ILE D 116 23.42 16.47 -0.28
N ILE D 117 22.42 16.79 -1.09
CA ILE D 117 21.49 15.80 -1.64
C ILE D 117 21.42 15.99 -3.15
N PRO D 118 22.47 15.65 -3.91
CA PRO D 118 22.49 15.89 -5.36
C PRO D 118 21.85 14.77 -6.17
N SER D 119 20.69 14.31 -5.72
CA SER D 119 20.04 13.16 -6.35
C SER D 119 19.48 13.53 -7.72
N TYR D 120 19.54 12.57 -8.64
CA TYR D 120 18.97 12.79 -9.97
C TYR D 120 17.45 12.83 -9.91
N PHE D 121 16.84 11.98 -9.08
CA PHE D 121 15.40 11.94 -8.92
C PHE D 121 15.09 11.46 -7.51
N GLU D 122 14.16 12.15 -6.85
CA GLU D 122 13.79 11.83 -5.46
C GLU D 122 12.37 12.30 -5.24
N PRO D 123 11.37 11.41 -5.40
CA PRO D 123 9.98 11.87 -5.38
C PRO D 123 9.56 12.54 -4.07
N PHE D 124 10.04 12.05 -2.92
CA PHE D 124 9.55 12.54 -1.62
C PHE D 124 10.62 13.34 -0.87
N GLY D 125 11.77 12.75 -0.59
CA GLY D 125 12.83 13.46 0.10
C GLY D 125 12.80 13.36 1.60
N LEU D 126 12.82 12.14 2.14
CA LEU D 126 12.92 11.97 3.59
C LEU D 126 14.23 12.52 4.12
N VAL D 127 15.33 12.33 3.39
CA VAL D 127 16.63 12.75 3.89
C VAL D 127 16.63 14.26 4.15
N ALA D 128 16.06 15.04 3.23
CA ALA D 128 16.03 16.49 3.40
C ALA D 128 15.26 16.88 4.65
N LEU D 129 14.09 16.29 4.86
CA LEU D 129 13.29 16.64 6.03
C LEU D 129 13.99 16.24 7.32
N GLU D 130 14.59 15.04 7.35
CA GLU D 130 15.28 14.59 8.55
C GLU D 130 16.47 15.49 8.86
N ALA D 131 17.22 15.90 7.83
CA ALA D 131 18.34 16.81 8.06
C ALA D 131 17.87 18.18 8.53
N MET D 132 16.78 18.68 7.96
CA MET D 132 16.29 20.00 8.33
C MET D 132 15.75 20.02 9.74
N CYS D 133 15.12 18.92 10.18
CA CYS D 133 14.57 18.89 11.53
C CYS D 133 15.64 19.17 12.59
N LEU D 134 16.89 18.80 12.32
CA LEU D 134 17.99 19.05 13.24
C LEU D 134 18.81 20.27 12.84
N GLY D 135 18.22 21.19 12.10
CA GLY D 135 18.92 22.40 11.73
C GLY D 135 20.14 22.21 10.85
N ALA D 136 20.01 21.40 9.80
CA ALA D 136 21.07 21.22 8.81
C ALA D 136 20.62 21.86 7.51
N ILE D 137 21.42 22.78 6.99
CA ILE D 137 21.10 23.51 5.77
C ILE D 137 21.34 22.58 4.59
N PRO D 138 20.35 22.28 3.76
CA PRO D 138 20.57 21.37 2.63
C PRO D 138 21.02 22.10 1.37
N ILE D 139 21.68 21.33 0.50
CA ILE D 139 22.08 21.77 -0.84
C ILE D 139 21.64 20.66 -1.77
N ALA D 140 20.47 20.78 -2.37
CA ALA D 140 19.82 19.70 -3.08
C ALA D 140 19.57 20.06 -4.53
N SER D 141 19.49 19.02 -5.37
CA SER D 141 19.14 19.19 -6.76
C SER D 141 17.70 19.67 -6.89
N ALA D 142 17.43 20.48 -7.90
CA ALA D 142 16.11 21.05 -8.12
C ALA D 142 15.27 20.08 -8.95
N VAL D 143 14.96 18.94 -8.34
CA VAL D 143 14.13 17.91 -8.94
C VAL D 143 12.84 17.80 -8.14
N GLY D 144 11.91 17.01 -8.66
CA GLY D 144 10.63 16.85 -7.98
C GLY D 144 10.82 16.30 -6.58
N GLY D 145 10.03 16.81 -5.66
CA GLY D 145 10.12 16.42 -4.25
C GLY D 145 11.02 17.31 -3.43
N LEU D 146 12.26 17.50 -3.87
CA LEU D 146 13.16 18.43 -3.18
C LEU D 146 12.82 19.88 -3.48
N ARG D 147 12.22 20.15 -4.64
CA ARG D 147 11.85 21.53 -4.98
C ARG D 147 10.75 22.04 -4.06
N ASP D 148 9.78 21.18 -3.72
CA ASP D 148 8.70 21.60 -2.83
C ASP D 148 9.20 21.88 -1.42
N ILE D 149 10.07 21.04 -0.89
CA ILE D 149 10.49 21.17 0.49
C ILE D 149 11.36 22.41 0.68
N ILE D 150 12.33 22.61 -0.21
CA ILE D 150 13.35 23.64 -0.04
C ILE D 150 12.92 24.88 -0.82
N THR D 151 12.78 25.99 -0.13
CA THR D 151 12.48 27.28 -0.73
C THR D 151 13.76 28.10 -0.79
N ASN D 152 13.63 29.38 -1.18
CA ASN D 152 14.81 30.23 -1.27
C ASN D 152 15.38 30.53 0.11
N GLU D 153 14.54 30.54 1.14
CA GLU D 153 14.96 30.92 2.48
C GLU D 153 15.39 29.74 3.34
N THR D 154 15.29 28.51 2.84
CA THR D 154 15.60 27.33 3.64
C THR D 154 16.77 26.52 3.11
N GLY D 155 17.49 27.02 2.11
CA GLY D 155 18.63 26.28 1.59
C GLY D 155 19.03 26.79 0.22
N ILE D 156 19.61 25.87 -0.56
CA ILE D 156 20.10 26.17 -1.90
C ILE D 156 19.50 25.17 -2.87
N LEU D 157 19.45 25.55 -4.13
CA LEU D 157 18.98 24.67 -5.20
C LEU D 157 19.98 24.69 -6.35
N VAL D 158 20.26 23.52 -6.90
CA VAL D 158 21.26 23.35 -7.95
C VAL D 158 20.69 22.46 -9.04
N LYS D 159 21.16 22.68 -10.27
CA LYS D 159 20.74 21.85 -11.40
C LYS D 159 21.26 20.43 -11.24
N ALA D 160 20.43 19.47 -11.61
CA ALA D 160 20.79 18.07 -11.46
C ALA D 160 21.91 17.69 -12.44
N GLY D 161 22.87 16.92 -11.94
CA GLY D 161 23.95 16.42 -12.79
C GLY D 161 24.79 17.50 -13.42
N ASP D 162 25.15 18.52 -12.65
CA ASP D 162 25.98 19.63 -13.13
C ASP D 162 27.10 19.86 -12.13
N PRO D 163 28.23 19.14 -12.26
CA PRO D 163 29.30 19.29 -11.28
C PRO D 163 29.78 20.73 -11.11
N GLY D 164 29.85 21.48 -12.21
CA GLY D 164 30.28 22.87 -12.09
C GLY D 164 29.35 23.69 -11.22
N GLU D 165 28.04 23.52 -11.42
CA GLU D 165 27.07 24.26 -10.63
C GLU D 165 27.11 23.82 -9.16
N LEU D 166 27.31 22.52 -8.92
CA LEU D 166 27.40 22.05 -7.54
C LEU D 166 28.62 22.64 -6.84
N ALA D 167 29.77 22.69 -7.54
CA ALA D 167 30.95 23.30 -6.96
C ALA D 167 30.72 24.79 -6.70
N ASN D 168 30.06 25.48 -7.63
CA ASN D 168 29.76 26.89 -7.42
C ASN D 168 28.85 27.09 -6.21
N ALA D 169 27.86 26.21 -6.04
CA ALA D 169 26.96 26.32 -4.89
C ALA D 169 27.72 26.09 -3.59
N ILE D 170 28.62 25.11 -3.57
CA ILE D 170 29.42 24.87 -2.37
C ILE D 170 30.28 26.09 -2.06
N LEU D 171 30.92 26.65 -3.08
CA LEU D 171 31.76 27.83 -2.87
C LEU D 171 30.93 28.99 -2.34
N LYS D 172 29.74 29.21 -2.90
CA LYS D 172 28.89 30.30 -2.44
C LYS D 172 28.45 30.09 -1.00
N ALA D 173 28.06 28.86 -0.65
CA ALA D 173 27.68 28.57 0.73
C ALA D 173 28.86 28.73 1.68
N LEU D 174 30.09 28.64 1.18
CA LEU D 174 31.26 28.82 2.04
C LEU D 174 31.29 30.18 2.72
N GLU D 175 30.65 31.21 2.15
CA GLU D 175 30.74 32.56 2.69
C GLU D 175 29.61 32.91 3.67
N LEU D 176 28.65 32.02 3.89
CA LEU D 176 27.54 32.35 4.77
C LEU D 176 28.03 32.55 6.20
N SER D 177 27.50 33.56 6.87
CA SER D 177 27.94 33.96 8.19
C SER D 177 27.22 33.17 9.28
N ARG D 178 27.77 33.24 10.49
CA ARG D 178 27.25 32.43 11.60
C ARG D 178 25.81 32.82 11.93
N SER D 179 25.53 34.13 12.00
CA SER D 179 24.17 34.55 12.29
C SER D 179 23.21 34.13 11.18
N ASP D 180 23.62 34.29 9.93
CA ASP D 180 22.81 33.82 8.82
C ASP D 180 22.61 32.32 8.88
N LEU D 181 23.65 31.58 9.28
CA LEU D 181 23.53 30.13 9.43
C LEU D 181 22.51 29.77 10.49
N SER D 182 22.52 30.48 11.63
CA SER D 182 21.56 30.18 12.69
C SER D 182 20.14 30.50 12.24
N LYS D 183 19.95 31.62 11.54
CA LYS D 183 18.62 31.95 11.03
C LYS D 183 18.15 30.91 10.04
N PHE D 184 19.04 30.46 9.15
CA PHE D 184 18.68 29.41 8.20
C PHE D 184 18.32 28.12 8.92
N ARG D 185 19.06 27.76 9.96
CA ARG D 185 18.75 26.54 10.70
C ARG D 185 17.38 26.63 11.35
N GLU D 186 17.05 27.78 11.94
CA GLU D 186 15.74 27.93 12.55
C GLU D 186 14.63 27.85 11.49
N ASN D 187 14.84 28.49 10.34
CA ASN D 187 13.86 28.43 9.27
C ASN D 187 13.68 27.00 8.77
N CYS D 188 14.79 26.26 8.65
CA CYS D 188 14.70 24.86 8.21
C CYS D 188 13.94 24.03 9.22
N LYS D 189 14.18 24.25 10.52
CA LYS D 189 13.44 23.52 11.54
C LYS D 189 11.95 23.81 11.42
N LYS D 190 11.58 25.07 11.25
CA LYS D 190 10.16 25.43 11.12
C LYS D 190 9.55 24.76 9.90
N ARG D 191 10.24 24.83 8.75
CA ARG D 191 9.69 24.25 7.52
C ARG D 191 9.53 22.74 7.65
N ALA D 192 10.52 22.06 8.24
CA ALA D 192 10.43 20.61 8.36
C ALA D 192 9.33 20.21 9.33
N MET D 193 9.22 20.89 10.47
CA MET D 193 8.20 20.54 11.45
C MET D 193 6.79 20.80 10.92
N SER D 194 6.59 21.94 10.25
CA SER D 194 5.26 22.27 9.75
C SER D 194 4.87 21.37 8.59
N PHE D 195 5.79 21.15 7.65
CA PHE D 195 5.51 20.34 6.47
C PHE D 195 5.32 18.89 6.89
N SER D 196 4.34 18.23 6.29
CA SER D 196 4.07 16.82 6.58
C SER D 196 4.73 15.93 5.54
#